data_3G15
#
_entry.id   3G15
#
_cell.length_a   55.802
_cell.length_b   118.986
_cell.length_c   131.039
_cell.angle_alpha   90.000
_cell.angle_beta   90.000
_cell.angle_gamma   90.000
#
_symmetry.space_group_name_H-M   'P 21 21 21'
#
loop_
_entity.id
_entity.type
_entity.pdbx_description
1 polymer 'Choline kinase alpha'
2 non-polymer "ADENOSINE-5'-DIPHOSPHATE"
3 non-polymer 'MAGNESIUM ION'
4 non-polymer "(2S,2'S)-2,2'-biphenyl-4,4'-diylbis(2-hydroxy-4,4-dimethylmorpholin-4-ium)"
5 non-polymer 'SULFATE ION'
6 non-polymer 'UNKNOWN ATOM OR ION'
7 water water
#
_entity_poly.entity_id   1
_entity_poly.type   'polypeptide(L)'
_entity_poly.pdbx_seq_one_letter_code
;GSSHHHHHHSSGLVPRGSPQPPADEQPEPRTRRRAYLWCKEFLPGAWRGLREDEFHISVIRGGLSNMLFQCSLPDTTATL
GDEPRKVLLRLYGAILQMRSCNKEGSEQAQKENEFQGAEAMVLESVMFAILAERSLGPKLYGIFPQGRLEQFIPSRRLDT
EELSLPDISAEIAEKMATFHGMKMPFNKEPKWLFGTMEKYLKEVLRIKFTEESRIKKLHKLLSYNLPLELENLRSLLEST
PSPVVFCHNDCQEGNILLLEGRENSEKQKLMLIDFEYSSYNYRGFDIGNHFCEWMYDYSYEKYPFFRANIRKYPTKKQQL
HFISSYLPAFQNDFENLSTEEKSIIKEEMLLEVNRFALASHFLWGLWSIVQAKISSIEFGYMDYAQARFDAYFHQKRKLG
V
;
_entity_poly.pdbx_strand_id   A,B
#
loop_
_chem_comp.id
_chem_comp.type
_chem_comp.name
_chem_comp.formula
ADP non-polymer ADENOSINE-5'-DIPHOSPHATE 'C10 H15 N5 O10 P2'
HC6 non-polymer (2S,2'S)-2,2'-biphenyl-4,4'-diylbis(2-hydroxy-4,4-dimethylmorpholin-4-ium) 'C24 H34 N2 O4 2'
MG non-polymer 'MAGNESIUM ION' 'Mg 2'
SO4 non-polymer 'SULFATE ION' 'O4 S -2'
UNX non-polymer 'UNKNOWN ATOM OR ION' ?
#
# COMPACT_ATOMS: atom_id res chain seq x y z
N GLU A 25 26.19 -3.83 -15.17
CA GLU A 25 26.37 -2.41 -15.58
C GLU A 25 26.03 -1.48 -14.44
N GLN A 26 26.80 -0.41 -14.37
CA GLN A 26 26.60 0.64 -13.36
C GLN A 26 25.65 1.71 -13.86
N PRO A 27 24.78 2.21 -12.96
CA PRO A 27 23.88 3.32 -13.33
C PRO A 27 24.63 4.63 -13.44
N GLU A 28 23.95 5.63 -13.95
CA GLU A 28 24.56 6.96 -14.06
C GLU A 28 24.59 7.61 -12.67
N PRO A 29 25.49 8.58 -12.47
CA PRO A 29 25.73 9.09 -11.12
C PRO A 29 24.51 9.65 -10.42
N ARG A 30 23.65 10.35 -11.16
CA ARG A 30 22.41 10.92 -10.55
C ARG A 30 21.52 9.83 -9.94
N THR A 31 21.36 8.78 -10.71
CA THR A 31 20.58 7.60 -10.28
C THR A 31 21.20 6.91 -9.06
N ARG A 32 22.51 6.72 -9.12
CA ARG A 32 23.23 6.15 -7.99
C ARG A 32 22.99 6.94 -6.71
N ARG A 33 23.10 8.26 -6.79
CA ARG A 33 22.91 9.15 -5.60
C ARG A 33 21.51 9.00 -5.00
N ARG A 34 20.55 9.01 -5.90
CA ARG A 34 19.12 8.93 -5.52
C ARG A 34 18.78 7.55 -4.95
N ALA A 35 19.30 6.52 -5.61
CA ALA A 35 19.11 5.14 -5.15
C ALA A 35 19.67 4.93 -3.74
N TYR A 36 20.88 5.42 -3.56
CA TYR A 36 21.59 5.43 -2.26
C TYR A 36 20.70 5.97 -1.17
N LEU A 37 20.13 7.13 -1.44
CA LEU A 37 19.36 7.85 -0.42
C LEU A 37 18.03 7.15 -0.08
N TRP A 38 17.37 6.62 -1.10
CA TRP A 38 16.16 5.81 -0.87
C TRP A 38 16.48 4.57 -0.01
N CYS A 39 17.57 3.90 -0.34
CA CYS A 39 17.96 2.68 0.40
C CYS A 39 18.30 3.01 1.85
N LYS A 40 19.08 4.07 2.01
CA LYS A 40 19.54 4.50 3.35
C LYS A 40 18.42 4.87 4.30
N GLU A 41 17.41 5.50 3.74
CA GLU A 41 16.32 6.11 4.53
C GLU A 41 15.13 5.21 4.72
N PHE A 42 14.87 4.34 3.75
CA PHE A 42 13.74 3.41 3.80
C PHE A 42 14.05 2.05 4.40
N LEU A 43 15.31 1.63 4.32
CA LEU A 43 15.67 0.28 4.77
C LEU A 43 16.28 0.30 6.18
N PRO A 44 15.89 -0.66 7.02
CA PRO A 44 16.39 -0.66 8.38
C PRO A 44 17.76 -1.30 8.51
N GLY A 45 18.25 -1.28 9.73
CA GLY A 45 19.50 -1.96 10.07
C GLY A 45 20.73 -1.27 9.53
N ALA A 46 21.57 -2.06 8.90
CA ALA A 46 22.89 -1.62 8.38
C ALA A 46 22.77 -0.60 7.28
N TRP A 47 21.64 -0.61 6.61
CA TRP A 47 21.40 0.36 5.56
C TRP A 47 21.38 1.79 6.06
N ARG A 48 20.89 1.93 7.29
CA ARG A 48 20.61 3.25 7.88
C ARG A 48 21.89 4.06 8.09
N GLY A 49 22.96 3.34 8.37
CA GLY A 49 24.27 3.99 8.56
C GLY A 49 25.28 3.82 7.43
N LEU A 50 24.79 3.41 6.28
CA LEU A 50 25.66 3.11 5.13
C LEU A 50 26.17 4.40 4.55
N ARG A 51 27.44 4.41 4.17
CA ARG A 51 28.04 5.57 3.50
C ARG A 51 27.81 5.44 2.02
N GLU A 52 27.82 6.56 1.34
CA GLU A 52 27.69 6.59 -0.12
C GLU A 52 28.72 5.68 -0.78
N ASP A 53 29.94 5.74 -0.27
CA ASP A 53 31.05 5.01 -0.91
C ASP A 53 30.91 3.50 -0.75
N GLU A 54 30.10 3.07 0.21
CA GLU A 54 29.81 1.62 0.45
C GLU A 54 28.62 1.02 -0.35
N PHE A 55 27.90 1.89 -1.00
CA PHE A 55 26.65 1.52 -1.71
C PHE A 55 27.00 0.78 -3.02
N HIS A 56 26.37 -0.38 -3.20
CA HIS A 56 26.52 -1.22 -4.42
C HIS A 56 25.19 -1.25 -5.16
N ILE A 57 25.26 -0.90 -6.42
CA ILE A 57 24.08 -0.86 -7.30
C ILE A 57 24.47 -1.27 -8.72
N SER A 58 23.65 -2.14 -9.30
CA SER A 58 23.85 -2.55 -10.69
C SER A 58 22.52 -2.52 -11.39
N VAL A 59 22.60 -2.24 -12.68
CA VAL A 59 21.41 -2.13 -13.53
C VAL A 59 20.94 -3.52 -13.88
N ILE A 60 19.65 -3.71 -13.70
CA ILE A 60 18.92 -4.89 -14.22
C ILE A 60 18.28 -4.51 -15.54
N ARG A 61 17.66 -3.33 -15.55
CA ARG A 61 17.06 -2.74 -16.78
C ARG A 61 17.10 -1.22 -16.78
N GLY A 62 17.63 -0.70 -17.87
CA GLY A 62 17.74 0.75 -18.11
C GLY A 62 16.58 1.29 -18.91
N GLY A 63 16.83 2.43 -19.53
CA GLY A 63 15.82 3.12 -20.33
C GLY A 63 15.30 4.40 -19.70
N LEU A 64 14.16 4.83 -20.19
CA LEU A 64 13.49 6.06 -19.73
C LEU A 64 12.38 5.79 -18.72
N SER A 65 11.93 4.54 -18.70
CA SER A 65 10.76 4.13 -17.91
C SER A 65 10.95 2.74 -17.30
N ASN A 66 10.41 2.58 -16.09
CA ASN A 66 10.39 1.28 -15.39
C ASN A 66 11.79 0.62 -15.30
N MET A 67 12.76 1.41 -14.90
CA MET A 67 14.13 0.93 -14.74
C MET A 67 14.22 0.12 -13.47
N LEU A 68 15.02 -0.91 -13.54
CA LEU A 68 15.24 -1.83 -12.43
C LEU A 68 16.72 -1.93 -12.08
N PHE A 69 16.96 -1.95 -10.77
CA PHE A 69 18.31 -2.03 -10.19
C PHE A 69 18.34 -2.95 -9.02
N GLN A 70 19.47 -3.64 -8.85
CA GLN A 70 19.75 -4.38 -7.63
C GLN A 70 20.68 -3.56 -6.75
N CYS A 71 20.28 -3.45 -5.50
CA CYS A 71 20.99 -2.62 -4.53
C CYS A 71 21.39 -3.50 -3.41
N SER A 72 22.64 -3.37 -2.99
CA SER A 72 23.27 -4.35 -2.11
C SER A 72 24.20 -3.70 -1.05
N LEU A 73 24.20 -4.29 0.14
CA LEU A 73 25.21 -3.99 1.20
C LEU A 73 26.57 -4.53 0.72
N PRO A 74 27.68 -3.94 1.19
CA PRO A 74 28.96 -4.62 1.03
C PRO A 74 28.90 -6.03 1.57
N ASP A 75 29.59 -6.94 0.91
CA ASP A 75 29.66 -8.33 1.40
C ASP A 75 30.26 -8.42 2.81
N THR A 76 31.13 -7.46 3.10
CA THR A 76 31.81 -7.36 4.41
C THR A 76 31.00 -6.65 5.50
N THR A 77 29.85 -6.12 5.10
CA THR A 77 28.92 -5.49 6.06
C THR A 77 27.93 -6.52 6.60
N ALA A 78 27.95 -6.65 7.90
CA ALA A 78 27.03 -7.51 8.64
C ALA A 78 25.68 -6.83 8.85
N THR A 79 24.63 -7.63 8.71
CA THR A 79 23.27 -7.15 8.98
C THR A 79 23.09 -7.13 10.48
N LEU A 80 22.21 -6.24 10.91
CA LEU A 80 21.98 -6.04 12.37
C LEU A 80 20.81 -6.83 12.88
N GLY A 81 19.84 -6.98 12.01
CA GLY A 81 18.59 -7.69 12.32
C GLY A 81 18.20 -8.57 11.16
N ASP A 82 16.95 -8.42 10.75
CA ASP A 82 16.40 -9.24 9.66
C ASP A 82 16.19 -8.44 8.37
N GLU A 83 16.97 -7.37 8.25
CA GLU A 83 16.96 -6.54 7.02
C GLU A 83 17.53 -7.31 5.82
N PRO A 84 17.07 -6.97 4.62
CA PRO A 84 17.62 -7.65 3.46
C PRO A 84 19.03 -7.17 3.18
N ARG A 85 19.84 -8.05 2.62
CA ARG A 85 21.18 -7.67 2.13
C ARG A 85 21.15 -7.07 0.73
N LYS A 86 20.12 -7.45 0.01
CA LYS A 86 19.94 -7.05 -1.39
C LYS A 86 18.47 -6.75 -1.62
N VAL A 87 18.22 -5.70 -2.35
CA VAL A 87 16.87 -5.31 -2.75
C VAL A 87 16.79 -4.91 -4.21
N LEU A 88 15.57 -4.90 -4.70
CA LEU A 88 15.28 -4.43 -6.02
C LEU A 88 14.72 -3.02 -5.93
N LEU A 89 15.35 -2.11 -6.64
CA LEU A 89 14.79 -0.76 -6.85
C LEU A 89 14.10 -0.66 -8.20
N ARG A 90 12.84 -0.26 -8.15
CA ARG A 90 12.02 -0.02 -9.34
C ARG A 90 11.70 1.45 -9.43
N LEU A 91 12.14 2.06 -10.52
CA LEU A 91 11.89 3.46 -10.82
C LEU A 91 10.89 3.61 -11.95
N TYR A 92 9.82 4.33 -11.68
CA TYR A 92 8.75 4.50 -12.67
C TYR A 92 9.25 5.20 -13.95
N GLY A 93 9.98 6.27 -13.76
CA GLY A 93 10.53 7.03 -14.89
C GLY A 93 9.45 7.75 -15.68
N ALA A 94 9.69 7.85 -16.98
CA ALA A 94 8.87 8.67 -17.88
C ALA A 94 7.44 8.16 -17.92
N ALA A 118 -2.74 8.86 -11.01
CA ALA A 118 -2.86 8.97 -9.56
C ALA A 118 -3.77 7.91 -8.96
N GLU A 119 -4.81 7.59 -9.70
CA GLU A 119 -5.78 6.53 -9.34
C GLU A 119 -5.14 5.15 -9.37
N ALA A 120 -4.44 4.91 -10.46
CA ALA A 120 -3.71 3.63 -10.68
C ALA A 120 -2.54 3.46 -9.72
N MET A 121 -1.98 4.59 -9.34
CA MET A 121 -0.85 4.66 -8.39
C MET A 121 -1.28 4.11 -7.03
N VAL A 122 -2.39 4.62 -6.54
CA VAL A 122 -2.93 4.17 -5.25
C VAL A 122 -3.30 2.70 -5.29
N LEU A 123 -3.99 2.29 -6.35
CA LEU A 123 -4.47 0.89 -6.45
C LEU A 123 -3.34 -0.12 -6.61
N GLU A 124 -2.41 0.21 -7.49
CA GLU A 124 -1.22 -0.61 -7.70
C GLU A 124 -0.36 -0.78 -6.43
N SER A 125 -0.20 0.31 -5.71
CA SER A 125 0.63 0.34 -4.50
C SER A 125 -0.01 -0.45 -3.40
N VAL A 126 -1.31 -0.22 -3.23
CA VAL A 126 -2.13 -0.93 -2.24
C VAL A 126 -2.16 -2.44 -2.53
N MET A 127 -2.34 -2.75 -3.80
CA MET A 127 -2.37 -4.14 -4.23
C MET A 127 -1.05 -4.85 -3.93
N PHE A 128 0.04 -4.21 -4.33
CA PHE A 128 1.39 -4.73 -4.06
C PHE A 128 1.65 -4.99 -2.55
N ALA A 129 1.25 -4.01 -1.74
CA ALA A 129 1.36 -4.14 -0.27
C ALA A 129 0.61 -5.33 0.30
N ILE A 130 -0.62 -5.50 -0.19
CA ILE A 130 -1.50 -6.56 0.29
C ILE A 130 -0.93 -7.93 -0.08
N LEU A 131 -0.53 -8.06 -1.33
CA LEU A 131 0.03 -9.32 -1.85
C LEU A 131 1.30 -9.68 -1.10
N ALA A 132 2.06 -8.65 -0.78
CA ALA A 132 3.27 -8.81 0.09
C ALA A 132 2.95 -9.35 1.47
N GLU A 133 1.94 -8.77 2.09
CA GLU A 133 1.47 -9.19 3.42
C GLU A 133 1.03 -10.66 3.42
N ARG A 134 0.41 -11.06 2.33
CA ARG A 134 -0.15 -12.44 2.17
C ARG A 134 0.84 -13.46 1.68
N SER A 135 2.06 -13.01 1.51
CA SER A 135 3.18 -13.85 1.00
C SER A 135 2.94 -14.39 -0.41
N LEU A 136 2.13 -13.67 -1.17
CA LEU A 136 1.88 -14.06 -2.56
C LEU A 136 2.84 -13.40 -3.50
N GLY A 137 3.41 -12.31 -3.04
CA GLY A 137 4.28 -11.46 -3.85
C GLY A 137 5.53 -11.03 -3.10
N PRO A 138 6.45 -10.33 -3.80
CA PRO A 138 7.67 -9.87 -3.12
C PRO A 138 7.33 -8.91 -2.01
N LYS A 139 8.10 -8.97 -0.93
CA LYS A 139 7.96 -7.95 0.15
C LYS A 139 8.17 -6.53 -0.38
N LEU A 140 7.48 -5.63 0.28
CA LEU A 140 7.50 -4.19 -0.02
C LEU A 140 8.27 -3.52 1.11
N TYR A 141 9.43 -3.02 0.74
CA TYR A 141 10.36 -2.36 1.66
C TYR A 141 10.23 -0.85 1.67
N GLY A 142 9.84 -0.29 0.55
CA GLY A 142 9.68 1.15 0.46
C GLY A 142 8.85 1.64 -0.70
N ILE A 143 8.13 2.71 -0.44
CA ILE A 143 7.29 3.34 -1.45
C ILE A 143 7.43 4.87 -1.40
N PHE A 144 7.62 5.44 -2.56
CA PHE A 144 7.86 6.89 -2.70
C PHE A 144 7.39 7.33 -4.08
N PRO A 145 7.34 8.64 -4.34
CA PRO A 145 6.70 9.04 -5.62
C PRO A 145 7.36 8.48 -6.86
N GLN A 146 8.66 8.32 -6.79
CA GLN A 146 9.50 7.94 -7.94
C GLN A 146 9.63 6.45 -8.23
N GLY A 147 9.19 5.64 -7.28
CA GLY A 147 9.35 4.18 -7.36
C GLY A 147 9.10 3.42 -6.08
N ARG A 148 9.70 2.25 -6.05
CA ARG A 148 9.54 1.29 -4.96
C ARG A 148 10.82 0.51 -4.71
N LEU A 149 10.97 0.10 -3.46
CA LEU A 149 11.99 -0.89 -3.05
C LEU A 149 11.28 -2.16 -2.70
N GLU A 150 11.71 -3.23 -3.36
CA GLU A 150 11.05 -4.53 -3.25
C GLU A 150 12.07 -5.61 -2.87
N GLN A 151 11.54 -6.67 -2.29
CA GLN A 151 12.35 -7.85 -2.03
C GLN A 151 12.95 -8.33 -3.35
N PHE A 152 14.24 -8.61 -3.28
CA PHE A 152 14.97 -9.25 -4.38
C PHE A 152 14.92 -10.76 -4.20
N ILE A 153 14.27 -11.39 -5.16
CA ILE A 153 14.03 -12.83 -5.13
C ILE A 153 14.99 -13.52 -6.13
N PRO A 154 15.99 -14.28 -5.60
CA PRO A 154 16.90 -15.06 -6.45
C PRO A 154 16.10 -16.08 -7.26
N SER A 155 16.25 -15.94 -8.56
CA SER A 155 15.33 -16.57 -9.54
C SER A 155 15.73 -16.19 -10.94
N ARG A 156 15.08 -16.86 -11.88
CA ARG A 156 15.03 -16.38 -13.24
C ARG A 156 13.59 -16.49 -13.70
N ARG A 157 13.27 -15.68 -14.66
CA ARG A 157 11.96 -15.80 -15.32
C ARG A 157 11.96 -17.01 -16.27
N LEU A 158 10.77 -17.56 -16.44
CA LEU A 158 10.57 -18.66 -17.35
C LEU A 158 10.76 -18.19 -18.80
N ASP A 159 11.14 -19.15 -19.61
CA ASP A 159 11.15 -19.00 -21.05
C ASP A 159 9.82 -19.46 -21.60
N THR A 160 9.52 -18.98 -22.77
CA THR A 160 8.24 -19.28 -23.41
C THR A 160 7.98 -20.77 -23.50
N GLU A 161 9.03 -21.49 -23.89
CA GLU A 161 8.97 -22.96 -24.09
C GLU A 161 8.60 -23.72 -22.83
N GLU A 162 8.99 -23.16 -21.69
CA GLU A 162 8.76 -23.82 -20.39
C GLU A 162 7.30 -23.84 -19.92
N LEU A 163 6.49 -22.99 -20.52
CA LEU A 163 5.05 -22.88 -20.17
C LEU A 163 4.29 -24.19 -20.38
N SER A 164 4.79 -24.94 -21.35
CA SER A 164 4.17 -26.22 -21.73
C SER A 164 4.63 -27.43 -20.91
N LEU A 165 5.68 -27.25 -20.11
CA LEU A 165 6.16 -28.37 -19.27
C LEU A 165 5.03 -28.73 -18.31
N PRO A 166 4.68 -30.03 -18.19
CA PRO A 166 3.49 -30.39 -17.39
C PRO A 166 3.51 -29.94 -15.92
N ASP A 167 4.63 -30.07 -15.26
CA ASP A 167 4.73 -29.67 -13.85
C ASP A 167 4.72 -28.15 -13.70
N ILE A 168 5.29 -27.47 -14.69
CA ILE A 168 5.26 -25.99 -14.71
C ILE A 168 3.84 -25.53 -14.89
N SER A 169 3.21 -26.02 -15.94
CA SER A 169 1.80 -25.67 -16.25
C SER A 169 0.83 -25.91 -15.09
N ALA A 170 0.96 -27.08 -14.49
CA ALA A 170 0.13 -27.46 -13.34
C ALA A 170 0.31 -26.49 -12.18
N GLU A 171 1.55 -26.09 -11.91
CA GLU A 171 1.80 -25.14 -10.79
C GLU A 171 1.29 -23.74 -11.13
N ILE A 172 1.50 -23.31 -12.37
CA ILE A 172 0.89 -22.03 -12.82
C ILE A 172 -0.63 -22.00 -12.58
N ALA A 173 -1.30 -23.09 -12.94
CA ALA A 173 -2.75 -23.25 -12.77
C ALA A 173 -3.16 -23.12 -11.30
N GLU A 174 -2.35 -23.74 -10.45
CA GLU A 174 -2.56 -23.71 -8.99
C GLU A 174 -2.35 -22.31 -8.42
N LYS A 175 -1.26 -21.69 -8.86
CA LYS A 175 -0.94 -20.31 -8.44
C LYS A 175 -2.04 -19.33 -8.87
N MET A 176 -2.51 -19.50 -10.11
CA MET A 176 -3.61 -18.70 -10.65
C MET A 176 -4.93 -18.88 -9.87
N ALA A 177 -5.22 -20.14 -9.54
CA ALA A 177 -6.41 -20.51 -8.73
C ALA A 177 -6.40 -19.76 -7.40
N THR A 178 -5.23 -19.81 -6.78
CA THR A 178 -4.98 -19.12 -5.49
C THR A 178 -5.22 -17.65 -5.64
N PHE A 179 -4.56 -17.09 -6.65
CA PHE A 179 -4.71 -15.66 -7.01
C PHE A 179 -6.18 -15.26 -7.11
N HIS A 180 -6.90 -16.05 -7.89
CA HIS A 180 -8.34 -15.88 -8.13
C HIS A 180 -9.22 -15.99 -6.89
N GLY A 181 -8.68 -16.57 -5.84
CA GLY A 181 -9.39 -16.68 -4.56
C GLY A 181 -9.27 -15.48 -3.63
N MET A 182 -8.44 -14.55 -4.01
CA MET A 182 -8.11 -13.36 -3.19
CA MET A 182 -8.15 -13.40 -3.14
C MET A 182 -9.28 -12.38 -3.10
N LYS A 183 -9.60 -11.95 -1.89
CA LYS A 183 -10.48 -10.81 -1.70
C LYS A 183 -9.59 -9.58 -1.78
N MET A 184 -9.97 -8.64 -2.62
CA MET A 184 -9.21 -7.38 -2.75
C MET A 184 -10.16 -6.18 -2.71
N PRO A 185 -9.71 -5.03 -2.17
CA PRO A 185 -10.60 -3.88 -1.94
C PRO A 185 -10.84 -3.04 -3.18
N PHE A 186 -11.10 -3.74 -4.29
CA PHE A 186 -11.27 -3.11 -5.54
C PHE A 186 -12.67 -3.41 -6.05
N ASN A 187 -13.00 -2.68 -7.08
CA ASN A 187 -14.31 -2.74 -7.72
C ASN A 187 -14.54 -4.13 -8.31
N LYS A 188 -15.63 -4.75 -7.90
CA LYS A 188 -15.89 -6.15 -8.26
C LYS A 188 -16.68 -6.33 -9.56
N GLU A 189 -17.07 -5.20 -10.14
CA GLU A 189 -17.75 -5.19 -11.44
C GLU A 189 -16.70 -5.45 -12.51
N PRO A 190 -17.01 -6.35 -13.46
CA PRO A 190 -16.01 -6.71 -14.46
C PRO A 190 -15.96 -5.73 -15.62
N LYS A 191 -15.66 -4.49 -15.29
CA LYS A 191 -15.60 -3.42 -16.31
C LYS A 191 -14.26 -3.27 -17.02
N TRP A 192 -13.23 -3.88 -16.44
CA TRP A 192 -11.83 -3.71 -16.94
C TRP A 192 -11.65 -4.15 -18.39
N LEU A 193 -12.18 -5.30 -18.71
CA LEU A 193 -11.92 -5.91 -20.04
C LEU A 193 -12.44 -5.06 -21.18
N PHE A 194 -13.74 -4.87 -21.22
CA PHE A 194 -14.30 -4.06 -22.31
C PHE A 194 -14.09 -2.56 -22.16
N GLY A 195 -13.91 -2.13 -20.92
CA GLY A 195 -13.59 -0.72 -20.64
C GLY A 195 -12.29 -0.33 -21.30
N THR A 196 -11.30 -1.18 -21.06
CA THR A 196 -9.94 -1.05 -21.61
C THR A 196 -9.92 -1.14 -23.12
N MET A 197 -10.62 -2.12 -23.68
CA MET A 197 -10.66 -2.27 -25.14
C MET A 197 -11.30 -1.07 -25.84
N GLU A 198 -12.38 -0.59 -25.23
CA GLU A 198 -13.11 0.62 -25.74
C GLU A 198 -12.19 1.83 -25.74
N LYS A 199 -11.51 1.98 -24.63
CA LYS A 199 -10.53 3.06 -24.39
C LYS A 199 -9.42 3.05 -25.44
N TYR A 200 -8.80 1.89 -25.62
CA TYR A 200 -7.74 1.72 -26.65
C TYR A 200 -8.26 1.93 -28.08
N LEU A 201 -9.45 1.43 -28.38
CA LEU A 201 -10.04 1.57 -29.72
C LEU A 201 -10.28 3.06 -30.10
N LYS A 202 -10.72 3.79 -29.10
CA LYS A 202 -10.96 5.25 -29.21
C LYS A 202 -9.70 5.94 -29.71
N GLU A 203 -8.63 5.67 -28.97
CA GLU A 203 -7.27 6.20 -29.28
C GLU A 203 -6.75 5.73 -30.62
N VAL A 204 -6.94 4.44 -30.92
CA VAL A 204 -6.50 3.86 -32.20
C VAL A 204 -7.12 4.56 -33.40
N LEU A 205 -8.39 4.87 -33.28
CA LEU A 205 -9.13 5.54 -34.38
C LEU A 205 -8.68 7.00 -34.57
N ARG A 206 -8.01 7.53 -33.55
CA ARG A 206 -7.47 8.92 -33.56
C ARG A 206 -6.03 9.04 -34.10
N ILE A 207 -5.35 7.92 -34.16
CA ILE A 207 -3.91 7.90 -34.52
C ILE A 207 -3.62 8.30 -35.95
N LYS A 208 -2.66 9.20 -36.07
CA LYS A 208 -2.04 9.54 -37.34
C LYS A 208 -0.55 9.30 -37.26
N PHE A 209 -0.07 8.33 -38.01
CA PHE A 209 1.38 8.08 -38.13
C PHE A 209 1.94 8.88 -39.28
N THR A 210 3.24 9.15 -39.22
CA THR A 210 3.93 9.95 -40.25
C THR A 210 4.99 9.16 -40.99
N GLU A 211 5.25 7.97 -40.48
CA GLU A 211 6.23 7.07 -41.07
C GLU A 211 5.51 6.00 -41.91
N GLU A 212 5.98 5.82 -43.14
CA GLU A 212 5.19 5.10 -44.17
C GLU A 212 4.84 3.67 -43.76
N SER A 213 5.81 2.97 -43.22
CA SER A 213 5.60 1.55 -42.83
C SER A 213 4.52 1.44 -41.76
N ARG A 214 4.56 2.33 -40.78
CA ARG A 214 3.52 2.35 -39.72
C ARG A 214 2.16 2.73 -40.27
N ILE A 215 2.16 3.68 -41.19
CA ILE A 215 0.93 4.14 -41.85
C ILE A 215 0.24 3.01 -42.60
N LYS A 216 1.06 2.25 -43.32
CA LYS A 216 0.59 1.10 -44.14
C LYS A 216 0.03 -0.02 -43.27
N LYS A 217 0.76 -0.32 -42.22
CA LYS A 217 0.33 -1.34 -41.21
C LYS A 217 -0.98 -0.99 -40.53
N LEU A 218 -1.14 0.27 -40.16
CA LEU A 218 -2.33 0.73 -39.46
C LEU A 218 -3.52 0.58 -40.37
N HIS A 219 -3.29 0.87 -41.64
CA HIS A 219 -4.41 0.83 -42.60
C HIS A 219 -4.97 -0.58 -42.76
N LYS A 220 -4.05 -1.54 -42.76
CA LYS A 220 -4.42 -2.99 -42.81
C LYS A 220 -5.27 -3.41 -41.64
N LEU A 221 -4.83 -3.01 -40.45
CA LEU A 221 -5.57 -3.29 -39.21
C LEU A 221 -6.95 -2.62 -39.21
N LEU A 222 -6.95 -1.35 -39.56
CA LEU A 222 -8.20 -0.57 -39.61
C LEU A 222 -9.23 -1.17 -40.60
N SER A 223 -8.71 -1.84 -41.63
CA SER A 223 -9.52 -2.45 -42.70
C SER A 223 -10.45 -3.56 -42.23
N TYR A 224 -10.21 -4.04 -41.01
CA TYR A 224 -11.04 -5.10 -40.39
C TYR A 224 -12.38 -4.62 -39.83
N ASN A 225 -12.54 -3.30 -39.82
CA ASN A 225 -13.62 -2.62 -39.05
C ASN A 225 -13.61 -3.05 -37.60
N LEU A 226 -12.65 -2.47 -36.89
CA LEU A 226 -12.41 -2.82 -35.49
C LEU A 226 -13.63 -2.54 -34.59
N PRO A 227 -14.35 -1.41 -34.81
CA PRO A 227 -15.48 -1.18 -33.91
C PRO A 227 -16.56 -2.24 -34.01
N LEU A 228 -16.80 -2.67 -35.22
CA LEU A 228 -17.80 -3.73 -35.50
C LEU A 228 -17.35 -5.08 -34.96
N GLU A 229 -16.11 -5.40 -35.23
CA GLU A 229 -15.52 -6.66 -34.72
C GLU A 229 -15.59 -6.71 -33.19
N LEU A 230 -15.30 -5.57 -32.56
CA LEU A 230 -15.40 -5.46 -31.10
C LEU A 230 -16.81 -5.76 -30.59
N GLU A 231 -17.80 -5.29 -31.33
CA GLU A 231 -19.21 -5.56 -30.97
C GLU A 231 -19.56 -7.04 -31.13
N ASN A 232 -19.04 -7.65 -32.18
CA ASN A 232 -19.17 -9.11 -32.37
C ASN A 232 -18.56 -9.89 -31.20
N LEU A 233 -17.36 -9.50 -30.82
CA LEU A 233 -16.67 -10.12 -29.65
C LEU A 233 -17.49 -9.95 -28.39
N ARG A 234 -18.03 -8.77 -28.22
CA ARG A 234 -18.82 -8.45 -27.03
C ARG A 234 -20.04 -9.37 -26.91
N SER A 235 -20.64 -9.60 -28.06
CA SER A 235 -21.84 -10.42 -28.18
C SER A 235 -21.50 -11.89 -27.88
N LEU A 236 -20.39 -12.33 -28.40
CA LEU A 236 -19.90 -13.67 -28.08
C LEU A 236 -19.68 -13.85 -26.60
N LEU A 237 -18.94 -12.92 -26.00
CA LEU A 237 -18.51 -13.10 -24.61
C LEU A 237 -19.65 -12.85 -23.64
N GLU A 238 -20.56 -11.99 -24.06
CA GLU A 238 -21.84 -11.77 -23.33
C GLU A 238 -22.59 -13.08 -23.08
N SER A 239 -22.53 -13.98 -24.06
CA SER A 239 -23.19 -15.30 -24.00
C SER A 239 -22.30 -16.43 -23.44
N THR A 240 -21.18 -16.04 -22.85
CA THR A 240 -20.22 -17.02 -22.37
C THR A 240 -19.99 -16.81 -20.87
N PRO A 241 -20.70 -17.57 -20.00
CA PRO A 241 -20.53 -17.42 -18.54
C PRO A 241 -19.12 -17.65 -18.10
N SER A 242 -18.66 -16.71 -17.30
CA SER A 242 -17.30 -16.79 -16.71
C SER A 242 -17.32 -16.08 -15.35
N PRO A 243 -16.93 -16.77 -14.27
CA PRO A 243 -16.97 -16.12 -12.97
C PRO A 243 -16.01 -14.95 -12.91
N VAL A 244 -16.43 -13.95 -12.15
CA VAL A 244 -15.64 -12.73 -11.96
C VAL A 244 -14.78 -12.90 -10.69
N VAL A 245 -13.47 -12.86 -10.90
CA VAL A 245 -12.46 -13.17 -9.86
C VAL A 245 -11.36 -12.12 -9.97
N PHE A 246 -10.50 -12.06 -8.97
CA PHE A 246 -9.35 -11.14 -9.01
C PHE A 246 -8.32 -11.77 -9.92
N CYS A 247 -8.14 -11.19 -11.09
CA CYS A 247 -7.26 -11.73 -12.13
C CYS A 247 -5.93 -11.04 -12.17
N HIS A 248 -4.95 -11.81 -12.58
CA HIS A 248 -3.61 -11.27 -12.78
C HIS A 248 -3.56 -10.38 -14.00
N ASN A 249 -4.16 -10.91 -15.08
CA ASN A 249 -4.35 -10.24 -16.40
C ASN A 249 -3.15 -10.18 -17.37
N ASP A 250 -2.04 -10.72 -16.90
CA ASP A 250 -0.79 -10.70 -17.66
C ASP A 250 0.14 -11.86 -17.24
N CYS A 251 -0.46 -13.03 -17.18
CA CYS A 251 0.27 -14.23 -16.77
C CYS A 251 1.08 -14.79 -17.97
N GLN A 252 2.19 -14.13 -18.22
CA GLN A 252 3.15 -14.52 -19.26
C GLN A 252 4.43 -14.98 -18.56
N GLU A 253 5.25 -15.69 -19.31
CA GLU A 253 6.52 -16.28 -18.80
C GLU A 253 7.43 -15.26 -18.07
N GLY A 254 7.47 -14.07 -18.61
CA GLY A 254 8.27 -12.94 -18.02
C GLY A 254 7.86 -12.50 -16.64
N ASN A 255 6.62 -12.83 -16.30
CA ASN A 255 5.99 -12.51 -15.01
C ASN A 255 5.83 -13.73 -14.07
N ILE A 256 6.62 -14.74 -14.38
CA ILE A 256 6.67 -15.96 -13.57
C ILE A 256 8.12 -16.29 -13.25
N LEU A 257 8.43 -16.20 -11.97
CA LEU A 257 9.79 -16.48 -11.46
C LEU A 257 9.93 -17.92 -11.04
N LEU A 258 10.99 -18.51 -11.56
CA LEU A 258 11.44 -19.83 -11.16
C LEU A 258 12.44 -19.62 -10.04
N LEU A 259 12.05 -20.05 -8.86
CA LEU A 259 12.77 -19.74 -7.61
C LEU A 259 14.02 -20.57 -7.47
N GLU A 260 15.10 -19.86 -7.27
CA GLU A 260 16.43 -20.45 -7.06
C GLU A 260 16.41 -21.41 -5.87
N GLY A 261 16.98 -22.56 -6.10
CA GLY A 261 17.04 -23.62 -5.10
C GLY A 261 15.99 -24.68 -5.33
N ARG A 262 14.80 -24.21 -5.68
CA ARG A 262 13.59 -25.06 -5.74
C ARG A 262 13.30 -25.66 -7.11
N GLU A 263 14.30 -25.69 -7.95
CA GLU A 263 14.13 -26.28 -9.31
C GLU A 263 13.85 -27.80 -9.29
N ASN A 264 14.11 -28.42 -8.15
CA ASN A 264 13.82 -29.86 -7.95
C ASN A 264 12.41 -30.12 -7.38
N SER A 265 11.79 -29.08 -6.84
CA SER A 265 10.38 -29.15 -6.36
C SER A 265 9.41 -29.29 -7.53
N GLU A 266 8.42 -30.17 -7.34
CA GLU A 266 7.41 -30.43 -8.39
C GLU A 266 6.33 -29.36 -8.45
N LYS A 267 5.90 -28.90 -7.27
CA LYS A 267 4.70 -28.05 -7.14
C LYS A 267 4.90 -26.67 -6.55
N GLN A 268 6.13 -26.35 -6.17
CA GLN A 268 6.37 -25.14 -5.35
C GLN A 268 7.58 -24.33 -5.73
N LYS A 269 7.81 -24.20 -7.01
CA LYS A 269 9.03 -23.56 -7.48
C LYS A 269 8.84 -22.25 -8.21
N LEU A 270 7.59 -21.79 -8.23
CA LEU A 270 7.23 -20.54 -8.92
C LEU A 270 6.59 -19.48 -8.04
N MET A 271 6.72 -18.26 -8.52
CA MET A 271 5.99 -17.10 -8.01
C MET A 271 5.50 -16.20 -9.15
N LEU A 272 4.25 -15.81 -9.08
CA LEU A 272 3.71 -14.83 -10.04
C LEU A 272 4.06 -13.42 -9.56
N ILE A 273 4.51 -12.60 -10.48
CA ILE A 273 4.85 -11.22 -10.17
C ILE A 273 4.21 -10.31 -11.20
N ASP A 274 4.38 -9.02 -10.99
CA ASP A 274 4.02 -7.96 -11.95
C ASP A 274 2.52 -7.80 -12.11
N PHE A 275 1.97 -7.14 -11.12
CA PHE A 275 0.52 -7.02 -10.98
C PHE A 275 -0.08 -5.75 -11.52
N GLU A 276 0.62 -5.11 -12.44
CA GLU A 276 0.19 -3.81 -12.93
C GLU A 276 -1.18 -3.81 -13.56
N TYR A 277 -1.53 -4.92 -14.21
CA TYR A 277 -2.83 -5.00 -14.92
C TYR A 277 -3.94 -5.69 -14.13
N SER A 278 -3.63 -6.12 -12.92
CA SER A 278 -4.50 -7.02 -12.17
C SER A 278 -5.77 -6.30 -11.76
N SER A 279 -6.88 -7.02 -11.82
CA SER A 279 -8.20 -6.42 -11.58
C SER A 279 -9.22 -7.51 -11.49
N TYR A 280 -10.37 -7.19 -10.94
CA TYR A 280 -11.54 -8.08 -11.04
C TYR A 280 -11.91 -8.14 -12.52
N ASN A 281 -12.05 -9.37 -12.97
CA ASN A 281 -12.23 -9.66 -14.40
C ASN A 281 -12.77 -11.07 -14.54
N TYR A 282 -13.18 -11.40 -15.75
CA TYR A 282 -13.63 -12.74 -16.08
C TYR A 282 -12.47 -13.72 -16.01
N ARG A 283 -12.68 -14.76 -15.22
CA ARG A 283 -11.71 -15.86 -15.06
C ARG A 283 -11.17 -16.37 -16.39
N GLY A 284 -12.07 -16.44 -17.36
CA GLY A 284 -11.71 -16.94 -18.67
C GLY A 284 -10.67 -16.11 -19.37
N PHE A 285 -10.63 -14.83 -19.08
CA PHE A 285 -9.64 -13.96 -19.70
C PHE A 285 -8.25 -14.33 -19.17
N ASP A 286 -8.17 -14.56 -17.89
CA ASP A 286 -6.85 -14.81 -17.24
C ASP A 286 -6.24 -16.11 -17.83
N ILE A 287 -7.07 -17.14 -17.91
CA ILE A 287 -6.63 -18.47 -18.43
C ILE A 287 -6.40 -18.40 -19.94
N GLY A 288 -7.37 -17.83 -20.65
CA GLY A 288 -7.26 -17.59 -22.10
C GLY A 288 -5.99 -16.83 -22.48
N ASN A 289 -5.76 -15.75 -21.76
CA ASN A 289 -4.58 -14.93 -21.98
C ASN A 289 -3.27 -15.73 -21.76
N HIS A 290 -3.27 -16.51 -20.69
CA HIS A 290 -2.13 -17.38 -20.38
C HIS A 290 -1.87 -18.35 -21.53
N PHE A 291 -2.94 -18.98 -22.01
CA PHE A 291 -2.81 -19.87 -23.19
C PHE A 291 -2.20 -19.19 -24.41
N CYS A 292 -2.69 -18.00 -24.70
CA CYS A 292 -2.17 -17.22 -25.84
C CYS A 292 -0.67 -17.03 -25.71
N GLU A 293 -0.24 -16.78 -24.49
CA GLU A 293 1.19 -16.49 -24.19
C GLU A 293 2.15 -17.64 -24.52
N TRP A 294 1.62 -18.83 -24.64
CA TRP A 294 2.41 -19.96 -25.17
C TRP A 294 2.95 -19.70 -26.57
N MET A 295 2.25 -18.83 -27.30
CA MET A 295 2.54 -18.54 -28.70
C MET A 295 3.56 -17.42 -28.97
N TYR A 296 3.85 -16.65 -27.93
CA TYR A 296 4.63 -15.38 -28.10
C TYR A 296 5.89 -15.41 -27.27
N ASP A 297 7.00 -15.17 -27.95
CA ASP A 297 8.32 -15.12 -27.32
C ASP A 297 8.87 -13.73 -27.56
N TYR A 298 9.05 -13.03 -26.44
CA TYR A 298 9.46 -11.61 -26.42
C TYR A 298 10.96 -11.44 -26.23
N SER A 299 11.68 -12.54 -26.39
CA SER A 299 13.14 -12.59 -26.18
C SER A 299 13.97 -12.59 -27.46
N TYR A 300 13.29 -12.52 -28.59
CA TYR A 300 13.94 -12.57 -29.92
C TYR A 300 14.77 -11.28 -30.14
N GLU A 301 15.99 -11.45 -30.62
CA GLU A 301 17.04 -10.41 -30.55
C GLU A 301 17.06 -9.44 -31.72
N LYS A 302 16.27 -9.76 -32.72
CA LYS A 302 16.23 -8.95 -33.95
C LYS A 302 14.82 -8.45 -34.16
N TYR A 303 14.72 -7.37 -34.90
CA TYR A 303 13.41 -6.76 -35.22
C TYR A 303 12.49 -7.82 -35.81
N PRO A 304 11.22 -7.88 -35.39
CA PRO A 304 10.47 -7.00 -34.49
C PRO A 304 10.59 -7.28 -32.99
N PHE A 305 11.55 -8.12 -32.62
CA PHE A 305 11.88 -8.42 -31.19
C PHE A 305 10.88 -9.33 -30.43
N PHE A 306 10.05 -9.98 -31.21
CA PHE A 306 9.20 -11.09 -30.72
C PHE A 306 9.07 -12.10 -31.85
N ARG A 307 8.69 -13.30 -31.48
CA ARG A 307 8.23 -14.30 -32.47
C ARG A 307 6.89 -14.88 -32.02
N ALA A 308 6.00 -15.03 -32.99
CA ALA A 308 4.68 -15.63 -32.80
C ALA A 308 4.66 -17.00 -33.51
N ASN A 309 4.07 -17.97 -32.86
CA ASN A 309 3.91 -19.30 -33.48
C ASN A 309 2.58 -19.88 -33.06
N ILE A 310 1.63 -19.81 -33.99
CA ILE A 310 0.24 -20.21 -33.73
C ILE A 310 0.18 -21.65 -33.31
N ARG A 311 1.10 -22.42 -33.84
CA ARG A 311 1.09 -23.88 -33.59
C ARG A 311 1.41 -24.23 -32.16
N LYS A 312 2.01 -23.29 -31.45
CA LYS A 312 2.40 -23.49 -30.01
C LYS A 312 1.29 -23.31 -28.97
N TYR A 313 0.13 -22.88 -29.43
CA TYR A 313 -1.07 -22.81 -28.57
C TYR A 313 -1.30 -24.19 -27.96
N PRO A 314 -1.69 -24.25 -26.67
CA PRO A 314 -1.88 -25.59 -26.06
C PRO A 314 -2.90 -26.44 -26.82
N THR A 315 -2.58 -27.72 -26.91
CA THR A 315 -3.54 -28.70 -27.42
C THR A 315 -4.67 -28.88 -26.41
N LYS A 316 -5.76 -29.50 -26.83
CA LYS A 316 -6.84 -29.79 -25.90
C LYS A 316 -6.35 -30.56 -24.69
N LYS A 317 -5.44 -31.48 -24.95
CA LYS A 317 -4.82 -32.29 -23.91
C LYS A 317 -4.10 -31.39 -22.91
N GLN A 318 -3.31 -30.50 -23.45
CA GLN A 318 -2.52 -29.56 -22.61
C GLN A 318 -3.44 -28.60 -21.81
N GLN A 319 -4.50 -28.17 -22.47
CA GLN A 319 -5.50 -27.30 -21.82
C GLN A 319 -6.21 -28.01 -20.67
N LEU A 320 -6.55 -29.26 -20.91
CA LEU A 320 -7.22 -30.08 -19.89
C LEU A 320 -6.33 -30.35 -18.67
N HIS A 321 -5.06 -30.54 -18.94
CA HIS A 321 -4.07 -30.70 -17.89
C HIS A 321 -4.01 -29.48 -16.98
N PHE A 322 -3.99 -28.33 -17.62
CA PHE A 322 -3.98 -27.03 -16.91
C PHE A 322 -5.25 -26.88 -16.09
N ILE A 323 -6.41 -27.04 -16.73
CA ILE A 323 -7.67 -26.79 -15.99
C ILE A 323 -7.98 -27.86 -14.94
N SER A 324 -7.45 -29.06 -15.16
CA SER A 324 -7.59 -30.18 -14.19
C SER A 324 -6.82 -29.89 -12.92
N SER A 325 -5.82 -29.03 -13.02
CA SER A 325 -5.04 -28.58 -11.85
CA SER A 325 -5.04 -28.59 -11.84
C SER A 325 -5.69 -27.38 -11.19
N TYR A 326 -6.16 -26.48 -12.01
CA TYR A 326 -6.84 -25.28 -11.57
C TYR A 326 -8.11 -25.57 -10.76
N LEU A 327 -8.94 -26.47 -11.28
CA LEU A 327 -10.30 -26.67 -10.75
C LEU A 327 -10.31 -27.09 -9.28
N PRO A 328 -9.54 -28.13 -8.93
CA PRO A 328 -9.55 -28.52 -7.52
C PRO A 328 -8.81 -27.55 -6.61
N ALA A 329 -7.85 -26.84 -7.19
CA ALA A 329 -7.18 -25.74 -6.49
C ALA A 329 -8.16 -24.59 -6.18
N PHE A 330 -9.04 -24.36 -7.13
CA PHE A 330 -10.02 -23.27 -7.06
C PHE A 330 -11.25 -23.67 -6.24
N GLN A 331 -11.59 -24.95 -6.32
CA GLN A 331 -12.63 -25.55 -5.46
C GLN A 331 -12.14 -26.87 -4.89
N ASN A 332 -11.88 -26.89 -3.59
CA ASN A 332 -11.45 -28.14 -2.91
C ASN A 332 -12.42 -29.31 -3.11
N ASP A 333 -13.71 -29.00 -3.06
CA ASP A 333 -14.78 -30.02 -3.21
C ASP A 333 -14.88 -30.63 -4.62
N PHE A 334 -14.08 -30.12 -5.54
CA PHE A 334 -14.26 -30.46 -6.96
C PHE A 334 -14.01 -31.93 -7.20
N GLU A 335 -13.02 -32.45 -6.51
CA GLU A 335 -12.56 -33.85 -6.70
C GLU A 335 -13.65 -34.86 -6.42
N ASN A 336 -14.61 -34.43 -5.62
CA ASN A 336 -15.76 -35.29 -5.15
C ASN A 336 -16.94 -35.43 -6.09
N LEU A 337 -16.98 -34.59 -7.12
CA LEU A 337 -18.06 -34.65 -8.12
C LEU A 337 -17.89 -35.90 -8.98
N SER A 338 -18.99 -36.38 -9.53
CA SER A 338 -18.93 -37.54 -10.41
C SER A 338 -18.19 -37.15 -11.66
N THR A 339 -17.54 -38.13 -12.26
CA THR A 339 -16.73 -37.90 -13.48
C THR A 339 -17.55 -37.26 -14.59
N GLU A 340 -18.83 -37.59 -14.61
CA GLU A 340 -19.79 -37.01 -15.58
C GLU A 340 -20.00 -35.52 -15.37
N GLU A 341 -20.11 -35.17 -14.09
CA GLU A 341 -20.22 -33.75 -13.64
C GLU A 341 -18.95 -32.96 -13.94
N LYS A 342 -17.84 -33.58 -13.62
CA LYS A 342 -16.51 -32.98 -13.87
C LYS A 342 -16.26 -32.72 -15.36
N SER A 343 -16.63 -33.68 -16.18
CA SER A 343 -16.47 -33.56 -17.64
C SER A 343 -17.30 -32.43 -18.22
N ILE A 344 -18.50 -32.31 -17.70
CA ILE A 344 -19.38 -31.21 -18.12
C ILE A 344 -18.74 -29.86 -17.79
N ILE A 345 -18.29 -29.73 -16.56
CA ILE A 345 -17.59 -28.49 -16.10
C ILE A 345 -16.34 -28.18 -16.95
N LYS A 346 -15.57 -29.23 -17.20
CA LYS A 346 -14.32 -29.08 -18.00
C LYS A 346 -14.55 -28.71 -19.44
N GLU A 347 -15.56 -29.35 -20.04
CA GLU A 347 -15.88 -29.09 -21.45
C GLU A 347 -16.32 -27.63 -21.61
N GLU A 348 -17.14 -27.18 -20.67
CA GLU A 348 -17.69 -25.82 -20.72
C GLU A 348 -16.57 -24.81 -20.51
N MET A 349 -15.70 -25.14 -19.58
CA MET A 349 -14.53 -24.28 -19.27
C MET A 349 -13.59 -24.15 -20.44
N LEU A 350 -13.41 -25.23 -21.17
CA LEU A 350 -12.54 -25.20 -22.35
C LEU A 350 -13.10 -24.17 -23.34
N LEU A 351 -14.40 -24.19 -23.56
CA LEU A 351 -14.99 -23.25 -24.54
C LEU A 351 -14.90 -21.81 -24.04
N GLU A 352 -15.15 -21.68 -22.75
CA GLU A 352 -15.07 -20.38 -22.04
C GLU A 352 -13.69 -19.76 -22.25
N VAL A 353 -12.65 -20.53 -21.93
CA VAL A 353 -11.26 -19.99 -21.95
C VAL A 353 -10.82 -19.69 -23.35
N ASN A 354 -11.23 -20.55 -24.28
CA ASN A 354 -10.93 -20.37 -25.70
C ASN A 354 -11.66 -19.20 -26.37
N ARG A 355 -12.87 -18.92 -25.91
CA ARG A 355 -13.60 -17.75 -26.34
C ARG A 355 -12.93 -16.48 -25.81
N PHE A 356 -12.65 -16.51 -24.52
CA PHE A 356 -11.99 -15.37 -23.85
C PHE A 356 -10.58 -15.12 -24.33
N ALA A 357 -9.92 -16.17 -24.82
CA ALA A 357 -8.65 -15.97 -25.55
C ALA A 357 -8.75 -14.96 -26.69
N LEU A 358 -9.91 -14.92 -27.36
CA LEU A 358 -10.14 -13.93 -28.42
C LEU A 358 -9.94 -12.49 -27.90
N ALA A 359 -10.38 -12.27 -26.67
CA ALA A 359 -10.29 -10.94 -26.02
C ALA A 359 -8.84 -10.59 -25.66
N SER A 360 -8.08 -11.63 -25.33
CA SER A 360 -6.60 -11.45 -25.18
C SER A 360 -5.97 -10.90 -26.47
N HIS A 361 -6.28 -11.55 -27.59
CA HIS A 361 -5.79 -11.08 -28.90
C HIS A 361 -6.25 -9.64 -29.19
N PHE A 362 -7.53 -9.39 -28.94
CA PHE A 362 -8.14 -8.09 -29.34
C PHE A 362 -7.58 -6.96 -28.49
N LEU A 363 -7.59 -7.18 -27.19
CA LEU A 363 -7.14 -6.17 -26.19
C LEU A 363 -5.67 -5.83 -26.43
N TRP A 364 -4.83 -6.85 -26.56
CA TRP A 364 -3.37 -6.60 -26.65
C TRP A 364 -2.95 -6.14 -28.03
N GLY A 365 -3.72 -6.52 -29.02
CA GLY A 365 -3.56 -5.98 -30.36
C GLY A 365 -3.78 -4.47 -30.37
N LEU A 366 -4.89 -4.05 -29.81
CA LEU A 366 -5.23 -2.62 -29.69
C LEU A 366 -4.18 -1.88 -28.88
N TRP A 367 -3.88 -2.45 -27.73
CA TRP A 367 -2.79 -1.95 -26.86
C TRP A 367 -1.50 -1.68 -27.65
N SER A 368 -1.14 -2.62 -28.52
CA SER A 368 0.16 -2.54 -29.25
C SER A 368 0.17 -1.41 -30.28
N ILE A 369 -1.00 -1.17 -30.87
CA ILE A 369 -1.15 -0.04 -31.80
C ILE A 369 -0.94 1.29 -31.06
N VAL A 370 -1.54 1.38 -29.90
CA VAL A 370 -1.39 2.58 -29.04
C VAL A 370 0.08 2.77 -28.66
N GLN A 371 0.74 1.68 -28.29
CA GLN A 371 2.19 1.75 -27.94
C GLN A 371 3.06 2.23 -29.12
N ALA A 372 2.69 1.81 -30.32
CA ALA A 372 3.40 2.19 -31.54
C ALA A 372 3.48 3.71 -31.66
N LYS A 373 2.48 4.37 -31.10
CA LYS A 373 2.33 5.84 -31.18
C LYS A 373 3.01 6.53 -29.99
N ILE A 374 2.79 5.99 -28.79
CA ILE A 374 3.17 6.68 -27.55
C ILE A 374 4.49 6.25 -26.94
N SER A 375 4.99 5.09 -27.37
CA SER A 375 6.20 4.51 -26.78
C SER A 375 7.40 4.70 -27.69
N SER A 376 8.55 4.95 -27.09
CA SER A 376 9.79 4.99 -27.85
C SER A 376 10.70 3.79 -27.59
N ILE A 377 10.15 2.77 -26.93
CA ILE A 377 10.85 1.49 -26.73
C ILE A 377 11.10 0.79 -28.07
N GLU A 378 12.24 0.13 -28.15
CA GLU A 378 12.66 -0.59 -29.36
C GLU A 378 11.95 -1.95 -29.39
N PHE A 379 10.77 -1.93 -29.99
CA PHE A 379 9.95 -3.14 -30.17
C PHE A 379 9.05 -2.92 -31.38
N GLY A 380 8.79 -3.98 -32.12
CA GLY A 380 7.92 -3.90 -33.31
C GLY A 380 6.44 -3.96 -33.00
N TYR A 381 5.95 -2.86 -32.45
CA TYR A 381 4.58 -2.81 -31.88
C TYR A 381 3.51 -3.06 -32.92
N MET A 382 3.71 -2.50 -34.10
CA MET A 382 2.74 -2.69 -35.20
C MET A 382 2.73 -4.14 -35.69
N ASP A 383 3.91 -4.69 -35.87
CA ASP A 383 4.05 -6.10 -36.26
C ASP A 383 3.38 -7.01 -35.24
N TYR A 384 3.56 -6.66 -33.97
CA TYR A 384 2.94 -7.41 -32.86
C TYR A 384 1.42 -7.28 -32.88
N ALA A 385 0.95 -6.07 -33.13
CA ALA A 385 -0.50 -5.82 -33.30
C ALA A 385 -1.07 -6.74 -34.39
N GLN A 386 -0.39 -6.78 -35.52
CA GLN A 386 -0.81 -7.62 -36.68
C GLN A 386 -0.80 -9.10 -36.30
N ALA A 387 0.20 -9.50 -35.52
CA ALA A 387 0.32 -10.88 -35.05
C ALA A 387 -0.87 -11.26 -34.23
N ARG A 388 -1.29 -10.34 -33.36
CA ARG A 388 -2.39 -10.62 -32.45
C ARG A 388 -3.70 -10.73 -33.22
N PHE A 389 -3.88 -9.83 -34.16
CA PHE A 389 -5.10 -9.88 -35.02
C PHE A 389 -5.12 -11.10 -35.92
N ASP A 390 -3.97 -11.48 -36.44
CA ASP A 390 -3.85 -12.77 -37.19
C ASP A 390 -4.37 -13.94 -36.37
N ALA A 391 -3.96 -13.98 -35.11
CA ALA A 391 -4.30 -15.05 -34.17
C ALA A 391 -5.76 -14.99 -33.75
N TYR A 392 -6.26 -13.77 -33.69
CA TYR A 392 -7.67 -13.52 -33.39
C TYR A 392 -8.53 -14.20 -34.46
N PHE A 393 -8.19 -13.93 -35.70
CA PHE A 393 -9.03 -14.48 -36.81
C PHE A 393 -8.85 -15.98 -36.98
N HIS A 394 -7.63 -16.43 -36.75
CA HIS A 394 -7.34 -17.89 -36.74
C HIS A 394 -8.13 -18.61 -35.66
N GLN A 395 -8.11 -18.04 -34.44
CA GLN A 395 -8.87 -18.63 -33.30
C GLN A 395 -10.39 -18.61 -33.55
N LYS A 396 -10.84 -17.54 -34.16
CA LYS A 396 -12.27 -17.38 -34.47
C LYS A 396 -12.70 -18.49 -35.43
N ARG A 397 -11.82 -18.71 -36.39
CA ARG A 397 -12.03 -19.76 -37.43
C ARG A 397 -12.03 -21.15 -36.83
N LYS A 398 -11.07 -21.38 -35.92
CA LYS A 398 -11.02 -22.62 -35.12
C LYS A 398 -12.32 -22.89 -34.38
N LEU A 399 -12.84 -21.86 -33.75
CA LEU A 399 -14.02 -21.97 -32.91
C LEU A 399 -15.29 -22.16 -33.78
N GLY A 400 -15.23 -21.64 -34.97
CA GLY A 400 -16.44 -21.43 -35.78
C GLY A 400 -16.71 -22.49 -36.84
N VAL A 401 -15.68 -23.27 -37.13
CA VAL A 401 -15.70 -24.17 -38.31
C VAL A 401 -16.66 -25.32 -38.09
N ARG B 32 -24.43 11.57 -1.55
CA ARG B 32 -25.24 10.32 -1.42
C ARG B 32 -25.06 9.45 -2.64
N ARG B 33 -25.25 10.06 -3.79
CA ARG B 33 -25.27 9.32 -5.07
C ARG B 33 -24.05 8.41 -5.16
N ARG B 34 -22.91 9.08 -5.17
CA ARG B 34 -21.61 8.41 -5.34
C ARG B 34 -21.40 7.29 -4.33
N ALA B 35 -21.93 7.50 -3.13
CA ALA B 35 -21.77 6.57 -1.99
C ALA B 35 -22.50 5.23 -2.16
N TYR B 36 -23.68 5.31 -2.73
CA TYR B 36 -24.51 4.11 -2.99
C TYR B 36 -23.87 3.13 -3.98
N LEU B 37 -23.25 3.72 -4.99
CA LEU B 37 -22.64 2.94 -6.09
C LEU B 37 -21.33 2.29 -5.65
N TRP B 38 -20.62 2.96 -4.76
CA TRP B 38 -19.39 2.39 -4.17
C TRP B 38 -19.71 1.13 -3.40
N CYS B 39 -20.75 1.18 -2.61
CA CYS B 39 -21.15 0.02 -1.81
C CYS B 39 -21.58 -1.15 -2.65
N LYS B 40 -22.33 -0.83 -3.69
CA LYS B 40 -22.92 -1.85 -4.58
C LYS B 40 -21.85 -2.61 -5.35
N GLU B 41 -20.84 -1.86 -5.76
CA GLU B 41 -19.80 -2.36 -6.67
C GLU B 41 -18.59 -2.99 -5.95
N PHE B 42 -18.31 -2.47 -4.75
CA PHE B 42 -17.12 -2.91 -3.99
C PHE B 42 -17.40 -3.99 -2.99
N LEU B 43 -18.63 -3.99 -2.50
CA LEU B 43 -19.02 -4.93 -1.44
C LEU B 43 -19.69 -6.14 -2.08
N PRO B 44 -19.35 -7.34 -1.61
CA PRO B 44 -19.75 -8.53 -2.31
C PRO B 44 -21.03 -9.13 -1.75
N ALA B 46 -24.01 -10.21 -1.28
CA ALA B 46 -25.36 -9.71 -1.02
C ALA B 46 -25.57 -8.26 -1.45
N TRP B 47 -24.49 -7.59 -1.76
CA TRP B 47 -24.53 -6.19 -2.18
C TRP B 47 -24.61 -6.10 -3.71
N MET B 67 -15.96 12.97 5.82
CA MET B 67 -17.19 12.60 6.52
C MET B 67 -17.20 11.12 6.77
N LEU B 68 -18.16 10.66 7.54
CA LEU B 68 -18.19 9.25 7.93
C LEU B 68 -19.59 8.76 8.14
N PHE B 69 -19.94 7.72 7.40
CA PHE B 69 -21.30 7.20 7.37
C PHE B 69 -21.30 5.72 7.65
N GLN B 70 -22.39 5.26 8.24
CA GLN B 70 -22.63 3.83 8.52
C GLN B 70 -23.71 3.29 7.58
N CYS B 71 -23.31 2.38 6.71
CA CYS B 71 -24.15 1.88 5.62
C CYS B 71 -24.84 0.54 5.94
N VAL B 87 -20.60 -1.47 7.36
CA VAL B 87 -19.41 -0.81 6.79
C VAL B 87 -19.44 0.70 6.97
N LEU B 88 -18.27 1.31 6.79
CA LEU B 88 -18.02 2.72 7.08
C LEU B 88 -17.36 3.39 5.88
N LEU B 89 -17.73 4.64 5.60
CA LEU B 89 -17.22 5.37 4.41
C LEU B 89 -16.48 6.68 4.70
N ARG B 90 -15.22 6.75 4.24
CA ARG B 90 -14.33 7.90 4.48
C ARG B 90 -13.90 8.63 3.20
N LEU B 91 -14.19 9.93 3.16
CA LEU B 91 -13.93 10.77 1.99
C LEU B 91 -12.68 11.64 2.16
N MET B 121 -2.73 10.52 -1.16
CA MET B 121 -3.19 9.53 -0.18
C MET B 121 -2.60 8.12 -0.38
N VAL B 122 -1.56 8.03 -1.19
CA VAL B 122 -0.90 6.74 -1.44
C VAL B 122 -0.35 6.12 -0.15
N LEU B 123 0.37 6.91 0.62
CA LEU B 123 0.97 6.37 1.86
C LEU B 123 -0.08 6.00 2.89
N GLU B 124 -1.08 6.86 3.04
CA GLU B 124 -2.16 6.61 4.00
C GLU B 124 -2.92 5.34 3.64
N SER B 125 -3.13 5.15 2.35
CA SER B 125 -3.88 3.97 1.82
C SER B 125 -3.13 2.67 2.03
N VAL B 126 -1.86 2.72 1.65
CA VAL B 126 -0.95 1.58 1.86
C VAL B 126 -0.90 1.21 3.33
N MET B 127 -0.76 2.24 4.17
CA MET B 127 -0.68 2.02 5.60
C MET B 127 -1.92 1.37 6.14
N PHE B 128 -3.05 1.91 5.72
CA PHE B 128 -4.32 1.39 6.22
C PHE B 128 -4.52 -0.06 5.79
N ALA B 129 -4.14 -0.31 4.55
CA ALA B 129 -4.23 -1.69 3.97
C ALA B 129 -3.36 -2.68 4.74
N ILE B 130 -2.16 -2.25 5.08
CA ILE B 130 -1.22 -3.11 5.84
C ILE B 130 -1.75 -3.40 7.25
N LEU B 131 -2.22 -2.35 7.91
CA LEU B 131 -2.72 -2.49 9.30
C LEU B 131 -3.93 -3.41 9.33
N ALA B 132 -4.73 -3.31 8.28
CA ALA B 132 -5.89 -4.20 8.05
C ALA B 132 -5.47 -5.66 7.93
N GLU B 133 -4.47 -5.88 7.09
CA GLU B 133 -3.93 -7.25 6.80
C GLU B 133 -3.40 -7.90 8.08
N ARG B 134 -2.75 -7.08 8.89
CA ARG B 134 -2.14 -7.48 10.15
C ARG B 134 -3.10 -7.61 11.34
N SER B 135 -4.36 -7.28 11.08
CA SER B 135 -5.43 -7.31 12.10
C SER B 135 -5.19 -6.35 13.26
N LEU B 136 -4.39 -5.34 12.99
CA LEU B 136 -4.19 -4.27 13.95
C LEU B 136 -5.31 -3.24 13.86
N GLY B 137 -5.79 -3.02 12.66
CA GLY B 137 -6.83 -2.00 12.42
C GLY B 137 -8.10 -2.54 11.78
N PRO B 138 -9.07 -1.66 11.44
CA PRO B 138 -10.27 -2.13 10.76
C PRO B 138 -9.94 -2.69 9.39
N LYS B 139 -10.70 -3.68 8.96
CA LYS B 139 -10.56 -4.22 7.60
C LYS B 139 -10.85 -3.15 6.58
N LEU B 140 -10.22 -3.32 5.45
CA LEU B 140 -10.36 -2.46 4.30
C LEU B 140 -11.17 -3.17 3.23
N TYR B 141 -12.34 -2.62 2.95
CA TYR B 141 -13.29 -3.19 1.93
C TYR B 141 -13.23 -2.55 0.58
N GLY B 142 -12.82 -1.32 0.55
CA GLY B 142 -12.81 -0.58 -0.69
C GLY B 142 -11.88 0.59 -0.67
N ILE B 143 -11.20 0.78 -1.75
CA ILE B 143 -10.32 1.95 -1.92
C ILE B 143 -10.57 2.58 -3.29
N PHE B 144 -10.85 3.87 -3.23
CA PHE B 144 -11.15 4.71 -4.41
C PHE B 144 -10.82 6.19 -4.12
N PRO B 145 -10.82 7.06 -5.15
CA PRO B 145 -10.37 8.44 -4.95
C PRO B 145 -11.15 9.24 -3.92
N GLN B 146 -12.46 9.14 -3.99
CA GLN B 146 -13.34 9.98 -3.15
C GLN B 146 -13.44 9.48 -1.72
N GLY B 147 -12.83 8.34 -1.46
CA GLY B 147 -12.80 7.76 -0.11
C GLY B 147 -12.34 6.32 0.03
N ARG B 148 -12.88 5.68 1.02
CA ARG B 148 -12.61 4.26 1.23
C ARG B 148 -13.68 3.68 2.11
N LEU B 149 -13.90 2.40 1.91
CA LEU B 149 -14.85 1.65 2.67
C LEU B 149 -14.09 0.81 3.67
N GLU B 150 -14.41 1.06 4.91
CA GLU B 150 -13.70 0.48 6.04
C GLU B 150 -14.68 -0.32 6.84
N GLN B 151 -14.18 -1.34 7.48
CA GLN B 151 -14.97 -2.13 8.41
C GLN B 151 -15.50 -1.26 9.54
N PHE B 152 -16.78 -1.41 9.79
CA PHE B 152 -17.42 -0.80 10.96
C PHE B 152 -17.37 -1.76 12.12
N ILE B 153 -16.77 -1.27 13.19
CA ILE B 153 -16.51 -2.06 14.39
C ILE B 153 -17.45 -1.56 15.48
N PRO B 154 -18.34 -2.44 15.98
CA PRO B 154 -19.23 -2.06 17.07
C PRO B 154 -18.42 -1.73 18.29
N SER B 155 -18.65 -0.52 18.78
CA SER B 155 -17.77 0.09 19.76
C SER B 155 -18.24 1.47 20.15
N ARG B 156 -17.56 2.00 21.12
CA ARG B 156 -17.58 3.44 21.35
C ARG B 156 -16.19 3.93 21.62
N ARG B 157 -15.97 5.20 21.32
CA ARG B 157 -14.69 5.84 21.64
C ARG B 157 -14.61 6.01 23.16
N LEU B 158 -13.38 6.02 23.68
CA LEU B 158 -13.16 6.32 25.11
C LEU B 158 -13.48 7.79 25.39
N ASP B 159 -13.81 8.04 26.63
CA ASP B 159 -13.92 9.40 27.16
C ASP B 159 -12.61 9.74 27.80
N THR B 160 -12.33 11.03 27.87
CA THR B 160 -11.05 11.50 28.46
C THR B 160 -10.72 10.92 29.82
N GLU B 161 -11.73 10.86 30.67
CA GLU B 161 -11.53 10.46 32.06
C GLU B 161 -11.15 8.98 32.17
N GLU B 162 -11.50 8.24 31.13
CA GLU B 162 -11.21 6.79 31.06
C GLU B 162 -9.75 6.45 30.83
N LEU B 163 -8.98 7.43 30.37
CA LEU B 163 -7.56 7.20 30.02
C LEU B 163 -6.74 6.81 31.23
N SER B 164 -7.23 7.22 32.40
CA SER B 164 -6.54 7.05 33.68
C SER B 164 -6.93 5.77 34.46
N LEU B 165 -7.89 5.04 33.93
CA LEU B 165 -8.28 3.75 34.53
C LEU B 165 -7.08 2.79 34.33
N PRO B 166 -6.62 2.12 35.40
CA PRO B 166 -5.39 1.32 35.29
C PRO B 166 -5.39 0.29 34.17
N ASP B 167 -6.49 -0.44 34.01
CA ASP B 167 -6.60 -1.48 32.99
C ASP B 167 -6.67 -0.92 31.57
N ILE B 168 -7.32 0.23 31.45
CA ILE B 168 -7.38 0.95 30.17
C ILE B 168 -6.00 1.45 29.77
N SER B 169 -5.35 2.10 30.72
CA SER B 169 -4.00 2.66 30.50
C SER B 169 -2.96 1.59 30.10
N ALA B 170 -3.03 0.50 30.85
CA ALA B 170 -2.16 -0.67 30.63
C ALA B 170 -2.32 -1.21 29.20
N GLU B 171 -3.55 -1.31 28.75
CA GLU B 171 -3.83 -1.84 27.42
C GLU B 171 -3.42 -0.86 26.35
N ILE B 172 -3.62 0.42 26.61
CA ILE B 172 -3.21 1.43 25.62
C ILE B 172 -1.70 1.35 25.40
N ALA B 173 -1.00 1.20 26.50
CA ALA B 173 0.48 1.05 26.52
C ALA B 173 0.93 -0.15 25.67
N GLU B 174 0.23 -1.26 25.90
CA GLU B 174 0.47 -2.50 25.13
C GLU B 174 0.19 -2.33 23.63
N LYS B 175 -0.94 -1.70 23.32
CA LYS B 175 -1.31 -1.47 21.93
C LYS B 175 -0.31 -0.55 21.24
N MET B 176 0.11 0.49 21.97
CA MET B 176 1.11 1.42 21.45
C MET B 176 2.44 0.72 21.16
N ALA B 177 2.89 -0.03 22.14
CA ALA B 177 4.11 -0.89 22.02
C ALA B 177 4.03 -1.78 20.76
N THR B 178 2.88 -2.39 20.58
CA THR B 178 2.63 -3.23 19.37
C THR B 178 2.69 -2.46 18.05
N PHE B 179 2.07 -1.29 18.06
CA PHE B 179 2.11 -0.37 16.92
C PHE B 179 3.55 -0.01 16.58
N HIS B 180 4.32 0.30 17.62
CA HIS B 180 5.70 0.75 17.49
C HIS B 180 6.60 -0.34 16.91
N GLY B 181 6.11 -1.55 17.01
CA GLY B 181 6.84 -2.71 16.46
C GLY B 181 6.64 -3.01 14.99
N MET B 182 5.72 -2.28 14.37
CA MET B 182 5.35 -2.49 12.94
CA MET B 182 5.39 -2.55 12.96
C MET B 182 6.45 -2.07 11.99
N LYS B 183 6.77 -2.94 11.04
CA LYS B 183 7.58 -2.57 9.88
C LYS B 183 6.63 -1.95 8.90
N MET B 184 7.02 -0.81 8.38
CA MET B 184 6.25 -0.11 7.37
C MET B 184 7.18 0.39 6.24
N PRO B 185 6.71 0.44 4.98
CA PRO B 185 7.55 0.81 3.85
C PRO B 185 7.71 2.32 3.63
N PHE B 186 7.95 3.00 4.74
CA PHE B 186 8.03 4.46 4.80
C PHE B 186 9.39 4.89 5.29
N ASN B 187 9.66 6.15 5.04
CA ASN B 187 10.97 6.73 5.34
C ASN B 187 11.18 6.67 6.86
N LYS B 188 12.31 6.07 7.25
CA LYS B 188 12.65 5.83 8.67
C LYS B 188 13.40 7.00 9.33
N GLU B 189 13.78 7.96 8.51
CA GLU B 189 14.56 9.14 9.00
C GLU B 189 13.51 10.07 9.64
N PRO B 190 13.67 10.40 10.95
CA PRO B 190 12.64 11.20 11.58
C PRO B 190 12.64 12.59 10.96
N LYS B 191 11.52 12.92 10.38
CA LYS B 191 11.32 14.22 9.73
C LYS B 191 10.03 14.87 10.14
N TRP B 192 9.06 14.04 10.49
CA TRP B 192 7.68 14.47 10.69
C TRP B 192 7.56 15.51 11.79
N LEU B 193 8.19 15.23 12.91
CA LEU B 193 7.93 16.05 14.13
C LEU B 193 8.32 17.53 13.92
N PHE B 194 9.60 17.72 13.70
CA PHE B 194 10.14 19.09 13.50
C PHE B 194 9.83 19.68 12.14
N GLY B 195 9.67 18.83 11.15
CA GLY B 195 9.23 19.29 9.81
C GLY B 195 7.84 19.90 9.85
N THR B 196 6.95 19.23 10.58
CA THR B 196 5.59 19.69 10.72
C THR B 196 5.53 20.97 11.56
N MET B 197 6.34 21.02 12.62
CA MET B 197 6.39 22.23 13.50
C MET B 197 6.84 23.47 12.71
N GLU B 198 7.90 23.28 11.93
CA GLU B 198 8.40 24.33 10.99
CA GLU B 198 8.42 24.33 11.01
C GLU B 198 7.35 24.76 10.00
N LYS B 199 6.68 23.77 9.44
CA LYS B 199 5.62 24.01 8.45
C LYS B 199 4.53 24.93 9.01
N TYR B 200 4.00 24.52 10.15
CA TYR B 200 2.94 25.28 10.86
C TYR B 200 3.44 26.64 11.32
N LEU B 201 4.67 26.67 11.80
CA LEU B 201 5.28 27.93 12.31
C LEU B 201 5.41 28.96 11.20
N LYS B 202 5.80 28.48 10.02
CA LYS B 202 5.95 29.33 8.81
C LYS B 202 4.62 29.99 8.49
N GLU B 203 3.59 29.17 8.57
CA GLU B 203 2.24 29.58 8.27
C GLU B 203 1.73 30.53 9.34
N VAL B 204 2.02 30.18 10.58
CA VAL B 204 1.59 31.00 11.71
C VAL B 204 2.14 32.43 11.64
N LEU B 205 3.38 32.52 11.23
CA LEU B 205 4.10 33.81 11.16
C LEU B 205 3.63 34.68 9.99
N ARG B 206 2.77 34.15 9.14
CA ARG B 206 2.21 34.98 8.04
C ARG B 206 0.69 35.07 8.03
N ILE B 207 0.08 34.47 9.02
CA ILE B 207 -1.38 34.53 9.19
C ILE B 207 -1.84 35.94 9.54
N LYS B 208 -2.85 36.38 8.84
CA LYS B 208 -3.56 37.58 9.20
C LYS B 208 -5.03 37.25 9.39
N PHE B 209 -5.49 37.47 10.62
CA PHE B 209 -6.90 37.31 10.95
C PHE B 209 -7.64 38.60 10.72
N THR B 210 -8.94 38.48 10.54
CA THR B 210 -9.81 39.64 10.37
C THR B 210 -10.58 39.99 11.66
N GLU B 211 -11.06 38.98 12.35
CA GLU B 211 -11.76 39.17 13.65
C GLU B 211 -10.78 39.73 14.67
N GLU B 212 -11.16 40.82 15.31
CA GLU B 212 -10.30 41.46 16.32
C GLU B 212 -9.92 40.55 17.49
N SER B 213 -10.84 39.68 17.90
CA SER B 213 -10.56 38.79 19.03
C SER B 213 -9.40 37.86 18.68
N ARG B 214 -9.44 37.36 17.46
CA ARG B 214 -8.37 36.46 16.96
C ARG B 214 -7.07 37.17 16.75
N ILE B 215 -7.15 38.41 16.30
CA ILE B 215 -5.95 39.24 16.12
C ILE B 215 -5.21 39.43 17.44
N LYS B 216 -5.97 39.73 18.48
CA LYS B 216 -5.40 39.93 19.82
C LYS B 216 -4.84 38.64 20.39
N LYS B 217 -5.58 37.55 20.23
CA LYS B 217 -5.11 36.25 20.74
C LYS B 217 -3.81 35.86 20.08
N LEU B 218 -3.72 36.10 18.78
CA LEU B 218 -2.47 35.82 18.03
C LEU B 218 -1.31 36.68 18.53
N HIS B 219 -1.60 37.94 18.83
CA HIS B 219 -0.58 38.86 19.34
C HIS B 219 0.09 38.25 20.57
N LYS B 220 -0.76 37.79 21.46
CA LYS B 220 -0.29 37.19 22.72
C LYS B 220 0.60 36.00 22.48
N LEU B 221 0.14 35.13 21.61
CA LEU B 221 0.92 33.93 21.24
C LEU B 221 2.26 34.26 20.60
N LEU B 222 2.26 35.21 19.69
CA LEU B 222 3.50 35.65 19.00
C LEU B 222 4.52 36.31 19.92
N SER B 223 4.00 36.85 21.01
N SER B 223 4.02 36.84 21.02
CA SER B 223 4.80 37.48 22.08
CA SER B 223 4.85 37.50 22.05
C SER B 223 5.82 36.53 22.71
C SER B 223 5.64 36.52 22.91
N TYR B 224 5.53 35.24 22.57
CA TYR B 224 6.35 34.19 23.18
C TYR B 224 7.66 33.99 22.43
N ASN B 225 7.78 34.63 21.28
CA ASN B 225 8.91 34.42 20.35
C ASN B 225 9.05 32.94 19.99
N LEU B 226 8.07 32.52 19.23
CA LEU B 226 7.97 31.10 18.84
C LEU B 226 9.18 30.54 18.05
N PRO B 227 9.79 31.33 17.12
CA PRO B 227 10.98 30.81 16.45
C PRO B 227 12.13 30.51 17.41
N LEU B 228 12.34 31.40 18.36
CA LEU B 228 13.39 31.21 19.38
C LEU B 228 13.07 30.01 20.26
N GLU B 229 11.81 29.92 20.64
CA GLU B 229 11.35 28.82 21.50
C GLU B 229 11.51 27.44 20.84
N LEU B 230 11.23 27.40 19.55
CA LEU B 230 11.43 26.17 18.78
C LEU B 230 12.88 25.69 18.82
N GLU B 231 13.81 26.63 18.77
CA GLU B 231 15.25 26.29 18.85
C GLU B 231 15.62 25.79 20.24
N ASN B 232 15.00 26.35 21.26
CA ASN B 232 15.19 25.88 22.64
C ASN B 232 14.72 24.42 22.74
N LEU B 233 13.57 24.18 22.13
CA LEU B 233 12.97 22.82 22.13
C LEU B 233 13.85 21.80 21.39
N ARG B 234 14.33 22.23 20.22
CA ARG B 234 15.25 21.43 19.39
C ARG B 234 16.51 21.07 20.18
N SER B 235 17.08 22.05 20.82
CA SER B 235 18.23 21.82 21.69
C SER B 235 17.97 20.77 22.80
N LEU B 236 16.84 20.90 23.47
CA LEU B 236 16.49 20.02 24.58
C LEU B 236 16.31 18.61 24.09
N LEU B 237 15.54 18.49 23.02
CA LEU B 237 15.19 17.14 22.48
C LEU B 237 16.36 16.44 21.78
N GLU B 238 17.22 17.22 21.14
CA GLU B 238 18.44 16.66 20.55
C GLU B 238 19.35 16.06 21.63
N SER B 239 19.24 16.59 22.84
CA SER B 239 19.99 16.08 24.02
C SER B 239 19.30 14.93 24.73
N THR B 240 18.14 14.54 24.18
CA THR B 240 17.25 13.52 24.77
C THR B 240 17.10 12.31 23.81
N PRO B 241 17.92 11.27 24.01
CA PRO B 241 17.81 10.05 23.19
C PRO B 241 16.41 9.43 23.26
N SER B 242 15.87 9.15 22.09
CA SER B 242 14.58 8.47 21.96
C SER B 242 14.57 7.60 20.67
N PRO B 243 14.25 6.31 20.79
CA PRO B 243 14.33 5.51 19.59
C PRO B 243 13.24 5.89 18.59
N VAL B 244 13.57 5.74 17.31
CA VAL B 244 12.67 6.04 16.23
C VAL B 244 11.88 4.77 15.96
N VAL B 245 10.57 4.91 15.99
CA VAL B 245 9.63 3.79 15.83
C VAL B 245 8.46 4.28 14.99
N PHE B 246 7.62 3.36 14.53
CA PHE B 246 6.40 3.74 13.82
C PHE B 246 5.37 4.18 14.82
N CYS B 247 5.19 5.50 14.87
CA CYS B 247 4.28 6.13 15.83
C CYS B 247 2.89 6.36 15.28
N HIS B 248 1.95 6.30 16.19
CA HIS B 248 0.56 6.62 15.86
C HIS B 248 0.40 8.13 15.65
N ASN B 249 1.01 8.84 16.57
CA ASN B 249 1.13 10.31 16.62
C ASN B 249 -0.11 11.10 17.06
N ASP B 250 -1.16 10.38 17.43
CA ASP B 250 -2.47 11.00 17.81
C ASP B 250 -3.29 10.05 18.67
N CYS B 251 -2.63 9.49 19.67
CA CYS B 251 -3.25 8.57 20.61
CA CYS B 251 -3.26 8.57 20.64
C CYS B 251 -4.07 9.28 21.68
N GLN B 252 -5.20 9.78 21.25
CA GLN B 252 -6.18 10.41 22.13
C GLN B 252 -7.37 9.49 22.23
N GLU B 253 -8.17 9.76 23.24
CA GLU B 253 -9.38 8.97 23.54
C GLU B 253 -10.35 8.78 22.37
N GLY B 254 -10.44 9.78 21.50
CA GLY B 254 -11.35 9.69 20.32
C GLY B 254 -10.91 8.69 19.28
N ASN B 255 -9.63 8.35 19.37
CA ASN B 255 -8.97 7.43 18.43
C ASN B 255 -8.70 6.05 19.03
N ILE B 256 -9.42 5.79 20.10
CA ILE B 256 -9.34 4.52 20.82
C ILE B 256 -10.73 3.98 21.03
N LEU B 257 -11.01 2.89 20.34
CA LEU B 257 -12.31 2.21 20.42
C LEU B 257 -12.34 1.15 21.53
N LEU B 258 -13.42 1.22 22.29
CA LEU B 258 -13.76 0.25 23.32
C LEU B 258 -14.71 -0.71 22.65
N LEU B 259 -14.26 -1.92 22.42
CA LEU B 259 -14.96 -2.86 21.54
C LEU B 259 -16.20 -3.46 22.20
N GLU B 260 -17.32 -3.32 21.53
CA GLU B 260 -18.61 -3.81 22.05
C GLU B 260 -18.50 -5.30 22.28
N GLY B 261 -18.94 -5.70 23.46
CA GLY B 261 -18.96 -7.12 23.89
C GLY B 261 -17.70 -7.64 24.55
N ARG B 262 -16.67 -6.80 24.56
CA ARG B 262 -15.35 -7.14 25.14
C ARG B 262 -15.06 -6.39 26.44
N GLU B 263 -16.08 -5.76 26.97
CA GLU B 263 -15.90 -4.80 28.09
C GLU B 263 -15.35 -5.40 29.40
N ASN B 264 -15.56 -6.70 29.57
CA ASN B 264 -15.10 -7.41 30.78
C ASN B 264 -13.73 -8.02 30.62
N SER B 265 -13.18 -7.84 29.43
CA SER B 265 -11.81 -8.29 29.14
C SER B 265 -10.86 -7.32 29.79
N GLU B 266 -9.95 -7.82 30.60
CA GLU B 266 -8.95 -6.98 31.28
C GLU B 266 -7.95 -6.33 30.29
N LYS B 267 -7.57 -7.08 29.28
CA LYS B 267 -6.38 -6.72 28.45
C LYS B 267 -6.60 -6.64 26.96
N GLN B 268 -7.80 -6.95 26.51
CA GLN B 268 -8.10 -7.00 25.08
C GLN B 268 -9.47 -6.44 24.76
N LYS B 269 -9.70 -5.20 25.15
CA LYS B 269 -10.97 -4.55 24.80
C LYS B 269 -10.85 -3.29 23.96
N LEU B 270 -9.64 -3.00 23.52
CA LEU B 270 -9.36 -1.75 22.77
C LEU B 270 -8.77 -1.96 21.37
N MET B 271 -8.98 -0.96 20.53
CA MET B 271 -8.29 -0.84 19.23
C MET B 271 -7.95 0.63 18.96
N LEU B 272 -6.71 0.85 18.57
CA LEU B 272 -6.27 2.15 18.07
C LEU B 272 -6.74 2.33 16.62
N ILE B 273 -7.31 3.49 16.36
CA ILE B 273 -7.74 3.89 15.03
C ILE B 273 -7.19 5.27 14.67
N ASP B 274 -7.50 5.67 13.45
CA ASP B 274 -7.22 7.02 12.93
C ASP B 274 -5.73 7.30 12.79
N PHE B 275 -5.20 6.82 11.67
CA PHE B 275 -3.75 6.78 11.41
C PHE B 275 -3.26 7.89 10.51
N GLU B 276 -4.03 8.94 10.41
CA GLU B 276 -3.71 10.00 9.43
C GLU B 276 -2.34 10.67 9.67
N TYR B 277 -1.96 10.76 10.95
CA TYR B 277 -0.67 11.41 11.33
C TYR B 277 0.47 10.43 11.54
N SER B 278 0.17 9.15 11.45
CA SER B 278 1.16 8.09 11.76
C SER B 278 2.37 8.14 10.83
N SER B 279 3.53 7.99 11.45
CA SER B 279 4.82 8.09 10.75
C SER B 279 5.92 7.58 11.66
N TYR B 280 7.07 7.31 11.06
CA TYR B 280 8.27 7.06 11.88
C TYR B 280 8.57 8.37 12.63
N ASN B 281 8.81 8.20 13.92
CA ASN B 281 8.98 9.35 14.85
C ASN B 281 9.64 8.86 16.12
N TYR B 282 10.09 9.81 16.90
CA TYR B 282 10.63 9.52 18.23
C TYR B 282 9.55 8.95 19.10
N ARG B 283 9.83 7.80 19.67
CA ARG B 283 8.93 7.11 20.60
C ARG B 283 8.41 8.01 21.72
N GLY B 284 9.30 8.87 22.19
CA GLY B 284 8.96 9.82 23.25
C GLY B 284 7.77 10.71 22.93
N PHE B 285 7.70 11.11 21.68
CA PHE B 285 6.57 11.93 21.24
C PHE B 285 5.24 11.17 21.40
N ASP B 286 5.21 9.93 20.95
CA ASP B 286 3.96 9.18 21.01
C ASP B 286 3.43 9.06 22.45
N ILE B 287 4.31 8.69 23.35
CA ILE B 287 3.94 8.47 24.75
C ILE B 287 3.62 9.83 25.45
N GLY B 288 4.49 10.79 25.23
CA GLY B 288 4.30 12.15 25.78
C GLY B 288 3.00 12.80 25.32
N ASN B 289 2.76 12.69 24.03
CA ASN B 289 1.49 13.12 23.43
C ASN B 289 0.29 12.46 24.11
N HIS B 290 0.35 11.15 24.23
CA HIS B 290 -0.69 10.44 24.95
C HIS B 290 -0.95 10.98 26.37
N PHE B 291 0.13 11.22 27.11
CA PHE B 291 0.05 11.73 28.49
C PHE B 291 -0.59 13.11 28.49
N CYS B 292 -0.20 13.94 27.55
CA CYS B 292 -0.85 15.28 27.40
C CYS B 292 -2.38 15.18 27.22
N GLU B 293 -2.81 14.15 26.49
CA GLU B 293 -4.23 13.93 26.17
C GLU B 293 -5.14 13.60 27.36
N TRP B 294 -4.53 13.20 28.46
CA TRP B 294 -5.25 13.04 29.72
C TRP B 294 -5.91 14.36 30.17
N MET B 295 -5.32 15.47 29.73
CA MET B 295 -5.72 16.83 30.16
C MET B 295 -6.84 17.47 29.33
N TYR B 296 -7.04 16.96 28.13
CA TYR B 296 -7.92 17.63 27.11
C TYR B 296 -9.12 16.79 26.80
N ASP B 297 -10.28 17.43 26.88
CA ASP B 297 -11.56 16.78 26.58
C ASP B 297 -12.23 17.57 25.48
N TYR B 298 -12.38 16.93 24.33
CA TYR B 298 -12.89 17.56 23.12
C TYR B 298 -14.38 17.42 22.92
N SER B 299 -15.07 16.98 23.96
CA SER B 299 -16.51 16.64 23.87
C SER B 299 -17.39 17.67 24.54
N TYR B 300 -16.76 18.74 25.00
CA TYR B 300 -17.48 19.80 25.73
C TYR B 300 -18.47 20.50 24.78
N GLU B 301 -19.70 20.63 25.23
CA GLU B 301 -20.84 21.05 24.35
C GLU B 301 -21.03 22.57 24.20
N LYS B 302 -20.29 23.29 25.00
CA LYS B 302 -20.29 24.77 25.00
C LYS B 302 -18.92 25.30 24.62
N TYR B 303 -18.93 26.48 24.02
CA TYR B 303 -17.68 27.14 23.59
C TYR B 303 -16.74 27.22 24.79
N PRO B 304 -15.43 26.95 24.59
CA PRO B 304 -14.65 26.73 23.35
C PRO B 304 -14.67 25.31 22.75
N PHE B 305 -15.54 24.50 23.32
CA PHE B 305 -15.82 23.11 22.88
C PHE B 305 -14.72 22.11 23.24
N PHE B 306 -13.90 22.55 24.17
CA PHE B 306 -12.99 21.66 24.91
C PHE B 306 -12.83 22.11 26.36
N ARG B 307 -12.34 21.20 27.16
CA ARG B 307 -11.89 21.48 28.52
C ARG B 307 -10.42 21.08 28.62
N ALA B 308 -9.70 21.87 29.38
CA ALA B 308 -8.30 21.58 29.73
C ALA B 308 -8.21 21.53 31.24
N ASN B 309 -7.71 20.43 31.72
CA ASN B 309 -7.49 20.24 33.15
C ASN B 309 -6.05 19.85 33.40
N ILE B 310 -5.23 20.83 33.74
CA ILE B 310 -3.79 20.59 34.07
C ILE B 310 -3.56 19.60 35.23
N ARG B 311 -4.52 19.54 36.12
CA ARG B 311 -4.46 18.63 37.28
C ARG B 311 -4.61 17.16 36.89
N LYS B 312 -4.99 16.92 35.64
CA LYS B 312 -5.24 15.54 35.14
C LYS B 312 -4.08 14.88 34.40
N TYR B 313 -2.99 15.60 34.21
CA TYR B 313 -1.75 14.99 33.70
C TYR B 313 -1.40 13.79 34.61
N PRO B 314 -0.96 12.66 34.02
CA PRO B 314 -0.69 11.53 34.91
C PRO B 314 0.38 11.85 35.95
N THR B 315 0.14 11.34 37.15
CA THR B 315 1.09 11.38 38.26
C THR B 315 2.26 10.49 37.92
N LYS B 316 3.35 10.62 38.65
CA LYS B 316 4.51 9.74 38.39
C LYS B 316 4.09 8.27 38.47
N LYS B 317 3.26 7.96 39.44
CA LYS B 317 2.77 6.59 39.66
C LYS B 317 2.02 6.05 38.43
N GLN B 318 1.14 6.91 37.94
CA GLN B 318 0.36 6.66 36.72
C GLN B 318 1.23 6.47 35.48
N GLN B 319 2.23 7.32 35.39
CA GLN B 319 3.21 7.26 34.28
C GLN B 319 3.98 5.95 34.32
N LEU B 320 4.43 5.61 35.52
CA LEU B 320 5.14 4.33 35.77
C LEU B 320 4.29 3.10 35.45
N HIS B 321 3.01 3.17 35.81
CA HIS B 321 2.04 2.09 35.49
C HIS B 321 1.99 1.90 34.00
N PHE B 322 1.88 3.01 33.27
CA PHE B 322 1.79 2.94 31.81
C PHE B 322 3.05 2.35 31.20
N ILE B 323 4.20 2.90 31.57
CA ILE B 323 5.46 2.47 30.93
C ILE B 323 5.86 1.04 31.39
N SER B 324 5.40 0.65 32.56
CA SER B 324 5.60 -0.74 33.09
C SER B 324 4.91 -1.77 32.18
N SER B 325 3.85 -1.32 31.51
CA SER B 325 3.11 -2.14 30.55
CA SER B 325 3.12 -2.15 30.55
C SER B 325 3.71 -2.04 29.15
N TYR B 326 4.10 -0.83 28.81
CA TYR B 326 4.70 -0.57 27.50
C TYR B 326 5.98 -1.36 27.27
N LEU B 327 6.87 -1.28 28.26
CA LEU B 327 8.27 -1.75 28.11
C LEU B 327 8.40 -3.27 27.83
N PRO B 328 7.71 -4.10 28.62
CA PRO B 328 7.79 -5.54 28.26
C PRO B 328 7.08 -5.91 26.96
N ALA B 329 6.15 -5.07 26.55
CA ALA B 329 5.44 -5.24 25.29
C ALA B 329 6.29 -4.84 24.11
N PHE B 330 7.19 -3.89 24.34
CA PHE B 330 8.02 -3.32 23.27
C PHE B 330 9.40 -3.94 23.19
N GLN B 331 9.99 -4.09 24.36
CA GLN B 331 11.38 -4.56 24.52
C GLN B 331 11.37 -6.04 24.93
N ASN B 332 11.82 -6.89 24.02
CA ASN B 332 11.77 -8.36 24.23
C ASN B 332 12.42 -8.83 25.53
N ASP B 333 13.62 -8.33 25.77
CA ASP B 333 14.42 -8.74 26.94
C ASP B 333 14.07 -8.06 28.26
N PHE B 334 13.09 -7.17 28.24
CA PHE B 334 12.84 -6.30 29.40
C PHE B 334 12.40 -7.05 30.65
N GLU B 335 11.50 -7.97 30.46
CA GLU B 335 10.86 -8.73 31.56
C GLU B 335 11.90 -9.46 32.45
N ASN B 336 12.99 -9.82 31.83
CA ASN B 336 14.05 -10.66 32.46
C ASN B 336 15.22 -9.90 33.05
N LEU B 337 15.16 -8.59 32.92
CA LEU B 337 16.14 -7.71 33.54
C LEU B 337 15.99 -7.75 35.04
N SER B 338 17.04 -7.34 35.73
CA SER B 338 16.98 -7.17 37.19
C SER B 338 16.03 -6.02 37.52
N THR B 339 15.53 -6.05 38.74
CA THR B 339 14.68 -4.96 39.24
C THR B 339 15.40 -3.61 39.14
N GLU B 340 16.69 -3.64 39.40
CA GLU B 340 17.53 -2.42 39.35
C GLU B 340 17.61 -1.87 37.94
N GLU B 341 17.93 -2.77 37.03
CA GLU B 341 18.05 -2.47 35.59
C GLU B 341 16.76 -1.85 35.06
N LYS B 342 15.67 -2.45 35.49
CA LYS B 342 14.30 -2.02 35.12
C LYS B 342 14.00 -0.60 35.60
N SER B 343 14.34 -0.33 36.86
CA SER B 343 14.15 1.03 37.44
C SER B 343 14.88 2.09 36.68
N ILE B 344 16.12 1.77 36.35
CA ILE B 344 17.00 2.70 35.62
C ILE B 344 16.37 3.07 34.29
N ILE B 345 15.94 2.05 33.57
CA ILE B 345 15.33 2.23 32.24
C ILE B 345 14.07 3.06 32.33
N LYS B 346 13.27 2.71 33.31
CA LYS B 346 11.98 3.39 33.59
C LYS B 346 12.16 4.87 33.90
N GLU B 347 13.09 5.14 34.81
CA GLU B 347 13.41 6.52 35.21
C GLU B 347 13.91 7.36 34.05
N GLU B 348 14.78 6.77 33.24
CA GLU B 348 15.29 7.45 32.05
C GLU B 348 14.17 7.67 31.01
N MET B 349 13.25 6.73 30.96
CA MET B 349 12.11 6.85 30.03
C MET B 349 11.14 7.94 30.47
N LEU B 350 10.98 8.07 31.77
CA LEU B 350 10.13 9.15 32.30
C LEU B 350 10.69 10.51 31.89
N LEU B 351 12.01 10.69 31.97
CA LEU B 351 12.65 11.94 31.50
C LEU B 351 12.41 12.18 30.02
N GLU B 352 12.61 11.11 29.25
CA GLU B 352 12.38 11.09 27.78
C GLU B 352 10.96 11.55 27.38
N VAL B 353 9.99 10.87 27.93
CA VAL B 353 8.58 11.09 27.56
C VAL B 353 8.06 12.45 27.98
N ASN B 354 8.44 12.85 29.19
CA ASN B 354 8.07 14.19 29.72
C ASN B 354 8.68 15.38 28.98
N ARG B 355 9.88 15.19 28.44
CA ARG B 355 10.51 16.18 27.56
C ARG B 355 9.82 16.24 26.21
N PHE B 356 9.60 15.08 25.60
CA PHE B 356 8.90 15.03 24.32
C PHE B 356 7.43 15.50 24.40
N ALA B 357 6.83 15.40 25.58
CA ALA B 357 5.50 15.99 25.81
C ALA B 357 5.46 17.48 25.43
N LEU B 358 6.60 18.14 25.65
CA LEU B 358 6.77 19.56 25.23
C LEU B 358 6.48 19.78 23.76
N ALA B 359 6.94 18.83 22.94
CA ALA B 359 6.71 18.83 21.49
C ALA B 359 5.25 18.63 21.11
N SER B 360 4.52 17.86 21.93
CA SER B 360 3.04 17.69 21.77
C SER B 360 2.37 19.06 21.89
N HIS B 361 2.72 19.76 22.94
CA HIS B 361 2.10 21.10 23.22
C HIS B 361 2.46 22.08 22.10
N PHE B 362 3.73 22.06 21.72
CA PHE B 362 4.26 23.03 20.75
C PHE B 362 3.66 22.79 19.34
N LEU B 363 3.77 21.55 18.89
CA LEU B 363 3.19 21.13 17.60
C LEU B 363 1.69 21.39 17.53
N TRP B 364 0.93 20.93 18.52
CA TRP B 364 -0.52 21.02 18.41
C TRP B 364 -1.03 22.45 18.70
N GLY B 365 -0.28 23.19 19.49
CA GLY B 365 -0.53 24.61 19.65
C GLY B 365 -0.45 25.38 18.32
N LEU B 366 0.63 25.15 17.60
CA LEU B 366 0.83 25.78 16.25
C LEU B 366 -0.22 25.32 15.26
N TRP B 367 -0.48 24.02 15.27
CA TRP B 367 -1.55 23.42 14.48
C TRP B 367 -2.88 24.14 14.65
N SER B 368 -3.23 24.39 15.89
CA SER B 368 -4.53 24.98 16.27
CA SER B 368 -4.52 24.99 16.27
C SER B 368 -4.68 26.42 15.73
N ILE B 369 -3.57 27.16 15.77
CA ILE B 369 -3.52 28.56 15.21
C ILE B 369 -3.84 28.50 13.71
N VAL B 370 -3.17 27.61 13.00
CA VAL B 370 -3.44 27.36 11.56
C VAL B 370 -4.93 26.99 11.33
N GLN B 371 -5.47 26.09 12.14
CA GLN B 371 -6.89 25.68 12.03
C GLN B 371 -7.87 26.83 12.24
N ALA B 372 -7.53 27.70 13.17
CA ALA B 372 -8.34 28.90 13.43
C ALA B 372 -8.55 29.72 12.14
N LYS B 373 -7.54 29.70 11.29
CA LYS B 373 -7.55 30.45 10.02
C LYS B 373 -8.28 29.70 8.89
N ILE B 374 -8.03 28.40 8.80
CA ILE B 374 -8.47 27.60 7.61
C ILE B 374 -9.66 26.67 7.80
N SER B 375 -9.93 26.31 9.04
CA SER B 375 -10.99 25.33 9.32
C SER B 375 -12.36 25.96 9.26
N SER B 376 -13.31 25.17 8.79
CA SER B 376 -14.73 25.53 8.74
C SER B 376 -15.51 24.98 9.94
N ILE B 377 -14.85 24.10 10.67
CA ILE B 377 -15.43 23.45 11.87
C ILE B 377 -15.50 24.46 13.02
N GLU B 378 -16.62 24.44 13.72
CA GLU B 378 -16.80 25.26 14.92
C GLU B 378 -16.12 24.64 16.15
N PHE B 379 -15.13 25.37 16.63
CA PHE B 379 -14.27 24.96 17.76
C PHE B 379 -13.40 26.15 18.11
N GLY B 380 -13.10 26.30 19.40
CA GLY B 380 -12.25 27.41 19.91
C GLY B 380 -10.77 27.16 19.73
N TYR B 381 -10.35 27.25 18.49
CA TYR B 381 -8.95 26.90 18.08
C TYR B 381 -7.90 27.81 18.68
N MET B 382 -8.19 29.10 18.73
CA MET B 382 -7.25 30.04 19.37
C MET B 382 -7.14 29.82 20.89
N ASP B 383 -8.27 29.57 21.52
CA ASP B 383 -8.31 29.28 22.96
C ASP B 383 -7.53 27.97 23.25
N TYR B 384 -7.75 27.01 22.37
CA TYR B 384 -6.99 25.72 22.46
C TYR B 384 -5.48 25.92 22.30
N ALA B 385 -5.11 26.72 21.32
CA ALA B 385 -3.69 27.09 21.11
C ALA B 385 -3.07 27.65 22.39
N GLN B 386 -3.80 28.58 22.99
CA GLN B 386 -3.36 29.22 24.24
C GLN B 386 -3.22 28.20 25.37
N ALA B 387 -4.19 27.29 25.46
CA ALA B 387 -4.15 26.19 26.43
C ALA B 387 -2.89 25.35 26.27
N ARG B 388 -2.60 24.99 25.04
CA ARG B 388 -1.39 24.18 24.73
C ARG B 388 -0.08 24.93 25.06
N PHE B 389 -0.03 26.21 24.73
CA PHE B 389 1.20 26.96 25.04
C PHE B 389 1.34 27.23 26.52
N ASP B 390 0.21 27.44 27.20
CA ASP B 390 0.18 27.54 28.69
C ASP B 390 0.80 26.27 29.29
N ALA B 391 0.34 25.14 28.75
CA ALA B 391 0.83 23.80 29.20
C ALA B 391 2.29 23.56 28.88
N TYR B 392 2.72 24.05 27.73
CA TYR B 392 4.13 24.01 27.30
C TYR B 392 5.04 24.65 28.37
N PHE B 393 4.70 25.89 28.70
CA PHE B 393 5.53 26.65 29.66
C PHE B 393 5.43 26.08 31.06
N HIS B 394 4.26 25.61 31.40
CA HIS B 394 4.06 24.96 32.70
C HIS B 394 4.96 23.72 32.83
N GLN B 395 4.92 22.90 31.79
CA GLN B 395 5.77 21.67 31.75
C GLN B 395 7.28 21.99 31.80
N LYS B 396 7.67 23.05 31.12
CA LYS B 396 9.05 23.55 31.21
C LYS B 396 9.42 23.86 32.65
N ARG B 397 8.53 24.57 33.34
CA ARG B 397 8.71 24.88 34.79
C ARG B 397 8.76 23.66 35.66
N LYS B 398 7.92 22.70 35.35
CA LYS B 398 7.91 21.42 36.07
C LYS B 398 9.25 20.75 35.94
N LEU B 399 9.79 20.74 34.73
CA LEU B 399 11.01 19.96 34.43
C LEU B 399 12.27 20.73 34.75
N GLY B 400 12.08 22.02 34.92
CA GLY B 400 13.15 22.95 35.16
C GLY B 400 14.06 23.09 33.95
N VAL B 401 13.46 23.11 32.79
CA VAL B 401 14.24 23.21 31.55
C VAL B 401 14.04 24.57 30.87
PB ADP C . 7.52 -5.04 -15.86
O1B ADP C . 6.11 -4.49 -15.60
O2B ADP C . 7.54 -6.23 -16.77
O3B ADP C . 8.51 -3.98 -16.28
PA ADP C . 8.20 -6.88 -13.64
O1A ADP C . 7.81 -6.82 -12.19
O2A ADP C . 7.63 -8.00 -14.48
O3A ADP C . 8.09 -5.44 -14.38
O5' ADP C . 9.81 -7.04 -13.64
C5' ADP C . 10.57 -7.21 -14.84
C4' ADP C . 11.58 -8.34 -14.66
O4' ADP C . 12.42 -8.06 -13.52
C3' ADP C . 10.97 -9.72 -14.42
O3' ADP C . 10.73 -10.51 -15.60
C2' ADP C . 12.00 -10.40 -13.55
O2' ADP C . 12.96 -11.06 -14.38
C1' ADP C . 12.68 -9.28 -12.77
N9 ADP C . 12.11 -9.15 -11.40
C8 ADP C . 10.94 -8.55 -11.11
N7 ADP C . 10.67 -8.58 -9.79
C5 ADP C . 11.71 -9.21 -9.20
C6 ADP C . 12.05 -9.55 -7.83
N6 ADP C . 11.19 -9.20 -6.83
N1 ADP C . 13.22 -10.19 -7.61
C2 ADP C . 14.05 -10.53 -8.62
N3 ADP C . 13.80 -10.24 -9.91
C4 ADP C . 12.65 -9.59 -10.25
MG MG D . 6.63 -8.00 -16.29
CAC HC6 E . 3.07 -6.70 -22.84
NAA HC6 E . 1.62 -6.83 -22.56
CBA HC6 E . 1.21 -8.20 -22.14
CBB HC6 E . 1.33 -5.83 -21.53
CAB HC6 E . 0.87 -6.53 -23.77
CAF HC6 E . 1.28 -7.48 -24.89
OAE HC6 E . 2.72 -7.33 -25.20
CAD HC6 E . 3.54 -7.56 -24.03
OBC HC6 E . 3.32 -8.92 -23.62
CAG HC6 E . 4.96 -7.23 -24.29
CAL HC6 E . 5.34 -6.30 -25.28
CAK HC6 E . 6.68 -5.96 -25.51
CAH HC6 E . 5.98 -7.80 -23.54
CAI HC6 E . 7.34 -7.49 -23.77
CAJ HC6 E . 7.70 -6.58 -24.78
CAM HC6 E . 9.07 -6.25 -24.94
CAR HC6 E . 9.44 -4.94 -25.27
CAQ HC6 E . 10.77 -4.55 -25.40
CAN HC6 E . 10.08 -7.18 -24.77
CAO HC6 E . 11.43 -6.80 -24.92
CAP HC6 E . 11.80 -5.48 -25.24
CAS HC6 E . 13.21 -5.07 -25.39
OBD HC6 E . 14.07 -5.85 -24.56
CAX HC6 E . 13.67 -5.29 -26.84
OAT HC6 E . 13.38 -3.65 -25.03
CAU HC6 E . 14.77 -3.22 -25.30
CAV HC6 E . 15.17 -3.44 -26.73
NAW HC6 E . 15.07 -4.86 -27.08
CAZ HC6 E . 16.06 -5.64 -26.29
CAY HC6 E . 15.33 -5.00 -28.53
S SO4 F . 4.92 -6.96 -18.86
O1 SO4 F . 3.72 -7.36 -19.61
O2 SO4 F . 5.57 -8.04 -18.10
O3 SO4 F . 5.89 -6.51 -19.89
O4 SO4 F . 4.52 -5.85 -17.95
MG MG G . 4.28 -5.24 -16.32
UNK UNX H . 4.67 -15.64 -24.17
UNK UNX I . 24.55 11.63 -14.16
UNK UNX J . 13.24 -8.80 -27.25
UNK UNX K . 6.09 -0.26 -34.66
UNK UNX L . 6.27 -3.06 -35.89
UNK UNX M . 5.38 4.31 -5.58
UNK UNX N . -0.66 -7.71 -14.31
UNK UNX O . 21.15 4.89 -14.76
UNK UNX P . 3.88 -8.12 -3.48
UNK UNX Q . 11.51 -20.61 -25.06
UNK UNX R . -18.18 -20.01 -32.47
UNK UNX S . 15.48 3.16 11.61
PB ADP T . -10.97 11.66 12.24
O1B ADP T . -11.06 11.80 13.72
O2B ADP T . -12.02 12.41 11.46
O3B ADP T . -9.58 11.94 11.70
PA ADP T . -11.50 8.84 12.88
O1A ADP T . -10.97 7.61 12.16
O2A ADP T . -11.02 9.10 14.31
O3A ADP T . -11.26 10.10 11.88
O5' ADP T . -13.09 8.72 12.96
C5' ADP T . -13.88 9.59 13.76
C4' ADP T . -14.78 8.81 14.68
O4' ADP T . -15.55 7.81 13.97
C3' ADP T . -14.05 8.02 15.76
O3' ADP T . -13.71 8.82 16.92
C2' ADP T . -15.05 6.93 16.07
O2' ADP T . -16.14 7.44 16.89
C1' ADP T . -15.66 6.60 14.72
N9 ADP T . -14.98 5.51 13.97
C8 ADP T . -13.89 5.63 13.20
N7 ADP T . -13.54 4.47 12.62
C5 ADP T . -14.42 3.56 13.02
C6 ADP T . -14.65 2.14 12.75
N6 ADP T . -13.81 1.43 11.96
N1 ADP T . -15.69 1.55 13.36
C2 ADP T . -16.54 2.23 14.16
N3 ADP T . -16.39 3.53 14.43
C4 ADP T . -15.38 4.24 13.91
MG MG U . -10.01 10.71 15.13
CAC HC6 V . -6.77 17.14 17.01
NAA HC6 V . -5.30 16.94 17.02
CBA HC6 V . -4.95 15.79 17.90
CBB HC6 V . -4.92 16.63 15.63
CAB HC6 V . -4.56 18.10 17.49
CAF HC6 V . -5.12 18.51 18.85
OAE HC6 V . -6.53 18.87 18.70
CAD HC6 V . -7.31 17.68 18.37
OBC HC6 V . -7.02 16.67 19.34
CAG HC6 V . -8.76 18.01 18.25
CAL HC6 V . -9.22 19.32 18.00
CAK HC6 V . -10.58 19.62 17.86
CAH HC6 V . -9.74 17.01 18.37
CAI HC6 V . -11.11 17.30 18.23
CAJ HC6 V . -11.54 18.61 18.00
CAM HC6 V . -12.93 18.89 17.83
CAR HC6 V . -13.35 19.82 16.85
CAQ HC6 V . -14.74 20.07 16.66
CAN HC6 V . -13.90 18.22 18.57
CAO HC6 V . -15.27 18.47 18.37
CAP HC6 V . -15.73 19.40 17.41
CAS HC6 V . -17.18 19.67 17.21
OBD HC6 V . -18.00 18.53 17.58
CAX HC6 V . -17.64 20.91 18.00
OAT HC6 V . -17.38 19.87 15.78
CAU HC6 V . -18.71 20.34 15.43
CAV HC6 V . -19.04 21.66 16.13
NAW HC6 V . -18.96 21.49 17.58
CAZ HC6 V . -20.03 20.58 18.03
CAY HC6 V . -19.14 22.83 18.17
S SO4 W . -8.35 13.74 15.62
O1 SO4 W . -9.23 14.94 15.70
O2 SO4 W . -9.10 12.51 16.02
O3 SO4 W . -7.88 13.58 14.25
O4 SO4 W . -7.19 13.92 16.47
MG MG X . -7.62 12.09 12.55
UNK UNX Y . -7.76 14.05 25.43
UNK UNX Z . -18.68 6.69 20.56
UNK UNX AA . -9.15 -0.32 35.58
UNK UNX BA . -10.44 35.70 11.48
UNK UNX CA . -3.70 38.98 12.68
UNK UNX DA . -10.79 30.52 17.17
UNK UNX EA . -10.39 19.12 39.25
UNK UNX FA . 12.04 15.56 13.22
UNK UNX GA . -20.75 19.05 27.59
#